data_2IV6
#
_entry.id   2IV6
#
_cell.length_a   1.000
_cell.length_b   1.000
_cell.length_c   1.000
_cell.angle_alpha   90.00
_cell.angle_beta   90.00
_cell.angle_gamma   90.00
#
_symmetry.space_group_name_H-M   'P 1'
#
_entity_poly.entity_id   1
_entity_poly.type   'polypeptide(L)'
_entity_poly.pdbx_seq_one_letter_code
;NNFVHNCVNITIKQHTVTTTTKG
;
_entity_poly.pdbx_strand_id   A
#
# COMPACT_ATOMS: atom_id res chain seq x y z
N ASN A 1 -4.97 5.82 4.23
CA ASN A 1 -4.60 4.77 3.29
C ASN A 1 -3.28 5.17 2.60
N ASN A 2 -2.57 4.14 2.12
CA ASN A 2 -1.31 4.36 1.46
C ASN A 2 -0.23 4.64 2.50
N PHE A 3 -0.47 5.66 3.30
CA PHE A 3 0.47 6.03 4.34
C PHE A 3 0.49 5.00 5.47
N VAL A 4 -0.48 5.13 6.36
CA VAL A 4 -0.59 4.21 7.49
C VAL A 4 -0.55 2.78 6.98
N HIS A 5 -1.19 2.57 5.83
CA HIS A 5 -1.24 1.25 5.22
C HIS A 5 0.18 0.79 4.90
N ASN A 6 1.08 1.75 4.81
CA ASN A 6 2.47 1.45 4.50
C ASN A 6 2.94 0.29 5.39
N CYS A 7 2.74 0.44 6.68
CA CYS A 7 3.15 -0.58 7.63
C CYS A 7 2.63 -1.93 7.12
N VAL A 8 1.46 -1.89 6.51
CA VAL A 8 0.86 -3.10 5.97
C VAL A 8 1.44 -3.38 4.58
N ASN A 9 1.81 -2.30 3.90
CA ASN A 9 2.37 -2.41 2.57
C ASN A 9 3.62 -3.30 2.62
N ILE A 10 4.54 -2.92 3.50
CA ILE A 10 5.77 -3.68 3.65
C ILE A 10 5.47 -5.17 3.57
N THR A 11 4.27 -5.52 4.00
CA THR A 11 3.84 -6.91 3.98
C THR A 11 3.19 -7.26 2.63
N ILE A 12 2.35 -6.35 2.18
CA ILE A 12 1.66 -6.54 0.91
C ILE A 12 2.69 -6.59 -0.23
N LYS A 13 3.63 -5.65 -0.16
CA LYS A 13 4.67 -5.58 -1.18
C LYS A 13 4.09 -4.98 -2.46
N GLN A 14 3.05 -4.18 -2.28
CA GLN A 14 2.40 -3.55 -3.41
C GLN A 14 1.70 -2.26 -2.98
N HIS A 15 1.00 -2.36 -1.85
CA HIS A 15 0.29 -1.21 -1.31
C HIS A 15 1.13 0.05 -1.49
N THR A 16 0.45 1.18 -1.54
CA THR A 16 1.11 2.46 -1.71
C THR A 16 1.50 2.67 -3.17
N VAL A 17 2.21 1.68 -3.70
CA VAL A 17 2.66 1.74 -5.09
C VAL A 17 1.45 1.67 -6.01
N THR A 18 0.72 0.57 -5.89
CA THR A 18 -0.46 0.37 -6.71
C THR A 18 -1.38 1.58 -6.63
N THR A 19 -1.68 1.98 -5.40
CA THR A 19 -2.55 3.12 -5.17
C THR A 19 -4.03 2.71 -5.29
N THR A 20 -4.33 2.05 -6.40
CA THR A 20 -5.68 1.60 -6.65
C THR A 20 -6.02 0.39 -5.76
N THR A 21 -5.11 -0.57 -5.76
CA THR A 21 -5.30 -1.77 -4.96
C THR A 21 -6.70 -2.33 -5.15
N LYS A 22 -7.14 -3.11 -4.17
CA LYS A 22 -8.47 -3.71 -4.23
C LYS A 22 -8.54 -4.86 -3.23
N GLY A 23 -7.72 -5.88 -3.46
CA GLY A 23 -7.68 -7.03 -2.59
C GLY A 23 -6.29 -7.22 -1.98
N ASN A 1 -5.38 3.77 3.33
CA ASN A 1 -4.27 2.87 3.07
C ASN A 1 -3.09 3.67 2.51
N ASN A 2 -2.05 2.94 2.14
CA ASN A 2 -0.86 3.56 1.58
C ASN A 2 -0.06 4.21 2.71
N PHE A 3 -0.72 5.10 3.43
CA PHE A 3 -0.09 5.80 4.54
C PHE A 3 0.09 4.87 5.74
N VAL A 4 -0.96 4.78 6.54
CA VAL A 4 -0.93 3.93 7.72
C VAL A 4 -0.69 2.48 7.29
N HIS A 5 -1.45 2.05 6.30
CA HIS A 5 -1.33 0.70 5.79
C HIS A 5 0.13 0.40 5.46
N ASN A 6 0.89 1.47 5.25
CA ASN A 6 2.30 1.34 4.93
C ASN A 6 2.93 0.31 5.86
N CYS A 7 2.69 0.50 7.15
CA CYS A 7 3.24 -0.40 8.15
C CYS A 7 3.01 -1.84 7.68
N VAL A 8 1.85 -2.05 7.07
CA VAL A 8 1.50 -3.37 6.57
C VAL A 8 2.11 -3.56 5.18
N ASN A 9 2.24 -2.45 4.47
CA ASN A 9 2.80 -2.48 3.13
C ASN A 9 4.21 -3.06 3.18
N ILE A 10 4.97 -2.62 4.18
CA ILE A 10 6.33 -3.09 4.36
C ILE A 10 6.39 -4.59 4.06
N THR A 11 5.45 -5.31 4.64
CA THR A 11 5.37 -6.75 4.45
C THR A 11 4.99 -7.08 3.00
N ILE A 12 3.76 -6.74 2.66
CA ILE A 12 3.26 -6.98 1.32
C ILE A 12 4.35 -6.62 0.30
N LYS A 13 5.09 -5.57 0.61
CA LYS A 13 6.15 -5.11 -0.27
C LYS A 13 5.58 -4.13 -1.29
N GLN A 14 4.46 -4.53 -1.89
CA GLN A 14 3.82 -3.71 -2.89
C GLN A 14 2.33 -3.56 -2.56
N HIS A 15 2.05 -2.68 -1.61
CA HIS A 15 0.67 -2.45 -1.20
C HIS A 15 0.03 -1.42 -2.13
N THR A 16 0.01 -0.18 -1.68
CA THR A 16 -0.58 0.89 -2.46
C THR A 16 -0.25 0.71 -3.94
N VAL A 17 0.90 0.10 -4.19
CA VAL A 17 1.34 -0.13 -5.56
C VAL A 17 0.15 -0.58 -6.40
N THR A 18 -0.79 -1.24 -5.73
CA THR A 18 -1.99 -1.73 -6.40
C THR A 18 -2.47 -0.72 -7.44
N THR A 19 -3.34 0.18 -7.01
CA THR A 19 -3.88 1.19 -7.89
C THR A 19 -4.05 2.52 -7.14
N THR A 20 -5.09 2.58 -6.33
CA THR A 20 -5.36 3.77 -5.56
C THR A 20 -6.15 4.79 -6.39
N THR A 21 -6.20 4.52 -7.69
CA THR A 21 -6.89 5.40 -8.61
C THR A 21 -8.40 5.17 -8.51
N LYS A 22 -9.08 5.39 -9.63
CA LYS A 22 -10.52 5.22 -9.68
C LYS A 22 -11.20 6.36 -8.93
N GLY A 23 -11.91 7.19 -9.68
CA GLY A 23 -12.61 8.32 -9.10
C GLY A 23 -12.81 9.44 -10.13
N ASN A 1 -4.76 4.91 3.95
CA ASN A 1 -3.89 3.88 3.40
C ASN A 1 -2.65 4.55 2.79
N ASN A 2 -1.79 3.71 2.25
CA ASN A 2 -0.57 4.20 1.63
C ASN A 2 0.40 4.70 2.72
N PHE A 3 -0.09 5.66 3.50
CA PHE A 3 0.70 6.22 4.58
C PHE A 3 0.84 5.21 5.72
N VAL A 4 -0.15 5.20 6.59
CA VAL A 4 -0.15 4.30 7.73
C VAL A 4 -0.10 2.85 7.23
N HIS A 5 -0.96 2.56 6.26
CA HIS A 5 -1.03 1.22 5.69
C HIS A 5 0.37 0.79 5.25
N ASN A 6 1.23 1.78 5.04
CA ASN A 6 2.59 1.52 4.61
C ASN A 6 3.17 0.38 5.45
N CYS A 7 3.07 0.54 6.76
CA CYS A 7 3.58 -0.47 7.67
C CYS A 7 3.12 -1.84 7.18
N VAL A 8 1.90 -1.88 6.66
CA VAL A 8 1.33 -3.11 6.16
C VAL A 8 1.77 -3.31 4.71
N ASN A 9 1.99 -2.19 4.02
CA ASN A 9 2.41 -2.24 2.63
C ASN A 9 3.75 -2.98 2.54
N ILE A 10 4.57 -2.79 3.55
CA ILE A 10 5.87 -3.43 3.60
C ILE A 10 5.72 -4.92 3.27
N THR A 11 5.03 -5.61 4.16
CA THR A 11 4.80 -7.03 3.99
C THR A 11 4.18 -7.30 2.61
N ILE A 12 2.93 -6.87 2.47
CA ILE A 12 2.22 -7.07 1.21
C ILE A 12 3.17 -6.80 0.04
N LYS A 13 3.86 -5.68 0.14
CA LYS A 13 4.80 -5.30 -0.91
C LYS A 13 4.05 -4.56 -2.02
N GLN A 14 2.88 -4.03 -1.67
CA GLN A 14 2.07 -3.31 -2.62
C GLN A 14 1.33 -2.16 -1.92
N HIS A 15 0.07 -2.42 -1.58
CA HIS A 15 -0.75 -1.42 -0.92
C HIS A 15 -0.72 -0.11 -1.72
N THR A 16 0.18 0.77 -1.33
CA THR A 16 0.31 2.05 -2.00
C THR A 16 0.10 1.90 -3.50
N VAL A 17 0.49 0.73 -4.01
CA VAL A 17 0.35 0.45 -5.42
C VAL A 17 -1.04 -0.15 -5.67
N THR A 18 -1.38 -1.14 -4.85
CA THR A 18 -2.67 -1.81 -4.97
C THR A 18 -3.81 -0.79 -4.86
N THR A 19 -3.58 0.21 -4.02
CA THR A 19 -4.57 1.25 -3.82
C THR A 19 -5.26 1.60 -5.15
N THR A 20 -4.44 1.97 -6.12
CA THR A 20 -4.93 2.33 -7.43
C THR A 20 -3.96 1.88 -8.52
N THR A 21 -2.87 2.63 -8.64
CA THR A 21 -1.86 2.32 -9.64
C THR A 21 -0.64 3.23 -9.46
N LYS A 22 -0.91 4.48 -9.14
CA LYS A 22 0.15 5.45 -8.94
C LYS A 22 1.30 4.79 -8.18
N GLY A 23 0.96 4.22 -7.03
CA GLY A 23 1.96 3.56 -6.21
C GLY A 23 3.22 4.40 -6.06
N ASN A 1 -3.54 7.15 2.56
CA ASN A 1 -3.19 5.84 2.03
C ASN A 1 -1.67 5.77 1.83
N ASN A 2 -1.18 4.54 1.79
CA ASN A 2 0.25 4.31 1.61
C ASN A 2 0.97 4.58 2.94
N PHE A 3 0.79 5.79 3.44
CA PHE A 3 1.41 6.19 4.69
C PHE A 3 1.09 5.19 5.80
N VAL A 4 -0.18 5.13 6.15
CA VAL A 4 -0.63 4.22 7.19
C VAL A 4 -0.60 2.79 6.66
N HIS A 5 -1.04 2.65 5.41
CA HIS A 5 -1.07 1.34 4.78
C HIS A 5 0.34 0.76 4.71
N ASN A 6 1.31 1.65 4.83
CA ASN A 6 2.71 1.25 4.79
C ASN A 6 2.92 0.03 5.70
N CYS A 7 2.46 0.18 6.93
CA CYS A 7 2.57 -0.88 7.91
C CYS A 7 2.24 -2.21 7.23
N VAL A 8 1.37 -2.11 6.23
CA VAL A 8 0.94 -3.28 5.48
C VAL A 8 1.73 -3.36 4.16
N ASN A 9 2.03 -2.19 3.63
CA ASN A 9 2.77 -2.10 2.38
C ASN A 9 4.14 -2.77 2.55
N ILE A 10 4.52 -2.91 3.81
CA ILE A 10 5.80 -3.54 4.12
C ILE A 10 5.73 -5.03 3.83
N THR A 11 4.76 -5.68 4.44
CA THR A 11 4.56 -7.11 4.26
C THR A 11 4.18 -7.40 2.81
N ILE A 12 3.18 -6.67 2.33
CA ILE A 12 2.70 -6.85 0.97
C ILE A 12 3.77 -6.35 -0.01
N LYS A 13 4.41 -5.26 0.37
CA LYS A 13 5.45 -4.68 -0.46
C LYS A 13 4.83 -3.67 -1.42
N GLN A 14 3.67 -4.03 -1.95
CA GLN A 14 2.96 -3.18 -2.88
C GLN A 14 1.48 -3.08 -2.50
N HIS A 15 1.21 -2.18 -1.57
CA HIS A 15 -0.17 -1.99 -1.11
C HIS A 15 -0.79 -0.80 -1.84
N THR A 16 -0.47 0.39 -1.34
CA THR A 16 -0.99 1.61 -1.94
C THR A 16 -0.97 1.52 -3.47
N VAL A 17 0.07 0.88 -3.96
CA VAL A 17 0.23 0.71 -5.41
C VAL A 17 -1.00 -0.02 -5.96
N THR A 18 -1.21 -1.23 -5.46
CA THR A 18 -2.33 -2.04 -5.90
C THR A 18 -3.65 -1.30 -5.64
N THR A 19 -3.73 -0.72 -4.46
CA THR A 19 -4.93 0.02 -4.07
C THR A 19 -5.47 0.81 -5.26
N THR A 20 -4.62 1.67 -5.81
CA THR A 20 -5.01 2.48 -6.95
C THR A 20 -3.78 2.85 -7.78
N THR A 21 -3.01 3.81 -7.24
CA THR A 21 -1.81 4.27 -7.92
C THR A 21 -1.04 5.23 -7.02
N LYS A 22 0.04 5.77 -7.57
CA LYS A 22 0.87 6.71 -6.84
C LYS A 22 2.20 6.89 -7.58
N GLY A 23 2.96 5.81 -7.65
CA GLY A 23 4.25 5.84 -8.33
C GLY A 23 5.21 6.80 -7.62
N ASN A 1 -6.16 3.10 4.70
CA ASN A 1 -5.30 2.12 4.07
C ASN A 1 -4.40 2.81 3.05
N ASN A 2 -3.48 2.04 2.50
CA ASN A 2 -2.55 2.56 1.51
C ASN A 2 -1.53 3.47 2.20
N PHE A 3 -2.05 4.48 2.90
CA PHE A 3 -1.19 5.42 3.60
C PHE A 3 -0.62 4.78 4.87
N VAL A 4 -1.45 4.78 5.91
CA VAL A 4 -1.03 4.21 7.18
C VAL A 4 -0.74 2.72 7.00
N HIS A 5 -1.70 2.03 6.40
CA HIS A 5 -1.55 0.60 6.16
C HIS A 5 -0.20 0.33 5.50
N ASN A 6 0.34 1.36 4.86
CA ASN A 6 1.61 1.24 4.20
C ASN A 6 2.59 0.49 5.10
N CYS A 7 2.72 0.98 6.32
CA CYS A 7 3.61 0.37 7.29
C CYS A 7 3.44 -1.16 7.20
N VAL A 8 2.19 -1.57 7.02
CA VAL A 8 1.88 -2.98 6.92
C VAL A 8 2.06 -3.43 5.46
N ASN A 9 1.75 -2.52 4.55
CA ASN A 9 1.87 -2.83 3.13
C ASN A 9 3.31 -3.25 2.82
N ILE A 10 4.25 -2.55 3.46
CA ILE A 10 5.66 -2.84 3.26
C ILE A 10 5.86 -4.36 3.21
N THR A 11 5.66 -4.99 4.35
CA THR A 11 5.82 -6.43 4.44
C THR A 11 5.25 -7.11 3.20
N ILE A 12 4.25 -6.47 2.62
CA ILE A 12 3.61 -6.99 1.42
C ILE A 12 4.31 -6.45 0.18
N LYS A 13 4.02 -5.20 -0.13
CA LYS A 13 4.62 -4.55 -1.29
C LYS A 13 3.79 -4.87 -2.53
N GLN A 14 2.51 -4.53 -2.45
CA GLN A 14 1.60 -4.77 -3.56
C GLN A 14 0.53 -3.68 -3.61
N HIS A 15 -0.12 -3.48 -2.47
CA HIS A 15 -1.17 -2.47 -2.38
C HIS A 15 -0.63 -1.12 -2.85
N THR A 16 -0.33 -0.27 -1.87
CA THR A 16 0.19 1.05 -2.17
C THR A 16 1.11 1.00 -3.39
N VAL A 17 1.82 -0.11 -3.51
CA VAL A 17 2.74 -0.30 -4.62
C VAL A 17 2.04 0.10 -5.92
N THR A 18 0.82 -0.39 -6.08
CA THR A 18 0.05 -0.09 -7.27
C THR A 18 -0.34 1.40 -7.30
N THR A 19 -0.90 1.86 -6.19
CA THR A 19 -1.30 3.25 -6.09
C THR A 19 -2.22 3.45 -4.88
N THR A 20 -3.49 3.12 -5.08
CA THR A 20 -4.47 3.25 -4.02
C THR A 20 -5.76 2.54 -4.39
N THR A 21 -6.22 2.80 -5.60
CA THR A 21 -7.44 2.18 -6.10
C THR A 21 -7.17 0.75 -6.56
N LYS A 22 -8.25 0.00 -6.71
CA LYS A 22 -8.14 -1.39 -7.13
C LYS A 22 -7.91 -2.28 -5.91
N GLY A 23 -8.23 -3.56 -6.09
CA GLY A 23 -8.06 -4.52 -5.01
C GLY A 23 -9.13 -4.31 -3.93
N ASN A 1 -6.66 1.89 4.76
CA ASN A 1 -5.47 1.12 4.43
C ASN A 1 -4.73 1.81 3.28
N ASN A 2 -3.70 1.14 2.79
CA ASN A 2 -2.90 1.68 1.70
C ASN A 2 -1.96 2.75 2.24
N PHE A 3 -2.55 3.74 2.91
CA PHE A 3 -1.79 4.82 3.47
C PHE A 3 -1.06 4.38 4.74
N VAL A 4 -1.77 4.45 5.85
CA VAL A 4 -1.21 4.07 7.14
C VAL A 4 -0.81 2.59 7.08
N HIS A 5 -1.71 1.78 6.57
CA HIS A 5 -1.46 0.35 6.46
C HIS A 5 -0.13 0.12 5.72
N ASN A 6 0.29 1.14 4.99
CA ASN A 6 1.52 1.06 4.23
C ASN A 6 2.63 0.54 5.15
N CYS A 7 2.52 0.90 6.42
CA CYS A 7 3.51 0.46 7.40
C CYS A 7 3.59 -1.06 7.37
N VAL A 8 2.44 -1.68 7.19
CA VAL A 8 2.37 -3.13 7.13
C VAL A 8 2.38 -3.58 5.67
N ASN A 9 1.86 -2.71 4.81
CA ASN A 9 1.81 -3.01 3.40
C ASN A 9 3.23 -3.07 2.82
N ILE A 10 4.06 -2.13 3.27
CA ILE A 10 5.43 -2.06 2.83
C ILE A 10 6.00 -3.49 2.76
N THR A 11 6.19 -4.09 3.92
CA THR A 11 6.72 -5.43 3.99
C THR A 11 6.17 -6.29 2.85
N ILE A 12 4.94 -5.98 2.46
CA ILE A 12 4.29 -6.71 1.39
C ILE A 12 4.64 -6.06 0.05
N LYS A 13 4.01 -4.94 -0.21
CA LYS A 13 4.25 -4.21 -1.46
C LYS A 13 3.34 -4.76 -2.56
N GLN A 14 2.05 -4.74 -2.27
CA GLN A 14 1.06 -5.23 -3.22
C GLN A 14 -0.12 -4.27 -3.30
N HIS A 15 -0.82 -4.12 -2.19
CA HIS A 15 -1.96 -3.23 -2.13
C HIS A 15 -1.56 -1.84 -2.63
N THR A 16 -1.02 -1.05 -1.71
CA THR A 16 -0.59 0.30 -2.04
C THR A 16 0.02 0.33 -3.44
N VAL A 17 0.66 -0.77 -3.80
CA VAL A 17 1.28 -0.87 -5.10
C VAL A 17 0.20 -0.91 -6.19
N THR A 18 -0.67 -1.90 -6.08
CA THR A 18 -1.75 -2.06 -7.04
C THR A 18 -2.57 -0.77 -7.14
N THR A 19 -2.70 -0.11 -6.00
CA THR A 19 -3.45 1.14 -5.94
C THR A 19 -2.51 2.34 -6.10
N THR A 20 -1.96 2.77 -4.97
CA THR A 20 -1.06 3.91 -4.96
C THR A 20 -1.84 5.22 -4.93
N THR A 21 -3.14 5.10 -5.15
CA THR A 21 -4.01 6.27 -5.15
C THR A 21 -3.45 7.36 -6.06
N LYS A 22 -4.22 8.42 -6.21
CA LYS A 22 -3.82 9.53 -7.05
C LYS A 22 -4.27 9.27 -8.49
N GLY A 23 -5.22 10.09 -8.94
CA GLY A 23 -5.75 9.95 -10.29
C GLY A 23 -5.00 10.87 -11.26
N ASN A 1 -4.82 4.15 6.04
CA ASN A 1 -4.97 3.57 4.72
C ASN A 1 -3.59 3.29 4.13
N ASN A 2 -3.54 3.30 2.80
CA ASN A 2 -2.29 3.06 2.10
C ASN A 2 -1.15 3.73 2.85
N PHE A 3 -1.47 4.83 3.50
CA PHE A 3 -0.48 5.57 4.26
C PHE A 3 -0.07 4.81 5.52
N VAL A 4 -1.04 4.61 6.40
CA VAL A 4 -0.78 3.88 7.63
C VAL A 4 -0.41 2.44 7.31
N HIS A 5 -1.23 1.82 6.46
CA HIS A 5 -1.00 0.44 6.07
C HIS A 5 0.39 0.31 5.45
N ASN A 6 0.92 1.46 5.04
CA ASN A 6 2.25 1.49 4.43
C ASN A 6 3.22 0.68 5.28
N CYS A 7 3.24 0.99 6.57
CA CYS A 7 4.12 0.31 7.50
C CYS A 7 4.00 -1.20 7.25
N VAL A 8 2.85 -1.59 6.73
CA VAL A 8 2.59 -2.99 6.43
C VAL A 8 2.82 -3.25 4.94
N ASN A 9 2.58 -2.21 4.15
CA ASN A 9 2.76 -2.31 2.72
C ASN A 9 4.21 -2.71 2.41
N ILE A 10 5.09 -2.38 3.35
CA ILE A 10 6.50 -2.70 3.20
C ILE A 10 6.71 -4.20 3.44
N THR A 11 5.66 -4.84 3.93
CA THR A 11 5.72 -6.26 4.21
C THR A 11 4.75 -7.03 3.29
N ILE A 12 3.82 -6.28 2.73
CA ILE A 12 2.83 -6.87 1.84
C ILE A 12 3.18 -6.51 0.39
N LYS A 13 3.59 -5.27 0.20
CA LYS A 13 3.96 -4.79 -1.12
C LYS A 13 2.83 -5.09 -2.10
N GLN A 14 1.66 -4.58 -1.78
CA GLN A 14 0.49 -4.79 -2.62
C GLN A 14 -0.47 -3.60 -2.49
N HIS A 15 -0.78 -3.26 -1.25
CA HIS A 15 -1.69 -2.16 -0.98
C HIS A 15 -1.15 -0.89 -1.62
N THR A 16 -0.57 -0.04 -0.79
CA THR A 16 -0.02 1.22 -1.28
C THR A 16 0.59 1.04 -2.66
N VAL A 17 1.34 -0.05 -2.81
CA VAL A 17 1.98 -0.34 -4.08
C VAL A 17 1.00 -0.06 -5.23
N THR A 18 -0.19 -0.63 -5.09
CA THR A 18 -1.22 -0.46 -6.09
C THR A 18 -1.38 1.03 -6.44
N THR A 19 -1.31 1.86 -5.41
CA THR A 19 -1.44 3.29 -5.59
C THR A 19 -2.92 3.68 -5.68
N THR A 20 -3.63 2.99 -6.57
CA THR A 20 -5.04 3.25 -6.77
C THR A 20 -5.67 2.15 -7.62
N THR A 21 -5.11 1.98 -8.82
CA THR A 21 -5.61 0.97 -9.73
C THR A 21 -7.14 0.99 -9.78
N LYS A 22 -7.71 -0.10 -10.25
CA LYS A 22 -9.15 -0.21 -10.36
C LYS A 22 -9.51 -1.37 -11.30
N GLY A 23 -9.97 -2.45 -10.69
CA GLY A 23 -10.34 -3.63 -11.47
C GLY A 23 -10.51 -4.84 -10.55
N ASN A 1 -4.01 4.02 4.18
CA ASN A 1 -3.41 4.73 3.06
C ASN A 1 -1.90 4.52 3.08
N ASN A 2 -1.22 5.19 2.16
CA ASN A 2 0.21 5.09 2.05
C ASN A 2 0.82 5.05 3.46
N PHE A 3 0.46 6.04 4.25
CA PHE A 3 0.96 6.12 5.62
C PHE A 3 0.81 4.79 6.34
N VAL A 4 -0.42 4.27 6.33
CA VAL A 4 -0.71 3.00 6.98
C VAL A 4 0.12 1.89 6.33
N HIS A 5 0.62 2.20 5.14
CA HIS A 5 1.43 1.25 4.40
C HIS A 5 2.79 1.08 5.09
N ASN A 6 3.01 1.92 6.09
CA ASN A 6 4.26 1.87 6.85
C ASN A 6 4.26 0.64 7.75
N CYS A 7 3.06 0.10 7.96
CA CYS A 7 2.92 -1.08 8.80
C CYS A 7 2.05 -2.09 8.05
N VAL A 8 1.76 -1.77 6.80
CA VAL A 8 0.94 -2.64 5.98
C VAL A 8 1.73 -3.03 4.72
N ASN A 9 2.32 -2.03 4.09
CA ASN A 9 3.11 -2.26 2.89
C ASN A 9 4.16 -3.33 3.17
N ILE A 10 4.45 -3.52 4.46
CA ILE A 10 5.43 -4.51 4.87
C ILE A 10 4.86 -5.90 4.64
N THR A 11 3.55 -5.95 4.44
CA THR A 11 2.87 -7.22 4.21
C THR A 11 2.32 -7.28 2.80
N ILE A 12 2.13 -6.10 2.22
CA ILE A 12 1.61 -6.00 0.86
C ILE A 12 2.77 -5.91 -0.13
N LYS A 13 3.80 -5.19 0.30
CA LYS A 13 4.98 -5.01 -0.54
C LYS A 13 4.78 -3.79 -1.44
N GLN A 14 3.60 -3.74 -2.05
CA GLN A 14 3.27 -2.63 -2.94
C GLN A 14 1.84 -2.14 -2.65
N HIS A 15 1.74 -1.23 -1.70
CA HIS A 15 0.45 -0.67 -1.33
C HIS A 15 0.13 0.52 -2.23
N THR A 16 0.45 1.70 -1.75
CA THR A 16 0.21 2.92 -2.50
C THR A 16 0.42 2.68 -3.99
N VAL A 17 1.43 1.87 -4.29
CA VAL A 17 1.77 1.56 -5.66
C VAL A 17 0.49 1.13 -6.40
N THR A 18 -0.16 0.12 -5.85
CA THR A 18 -1.38 -0.41 -6.44
C THR A 18 -2.34 0.74 -6.76
N THR A 19 -2.54 1.60 -5.76
CA THR A 19 -3.43 2.74 -5.92
C THR A 19 -4.88 2.32 -5.70
N THR A 20 -5.26 1.26 -6.41
CA THR A 20 -6.62 0.75 -6.30
C THR A 20 -6.89 -0.27 -7.41
N THR A 21 -6.65 0.16 -8.63
CA THR A 21 -6.87 -0.70 -9.79
C THR A 21 -6.19 -2.05 -9.58
N LYS A 22 -4.92 -2.00 -9.21
CA LYS A 22 -4.15 -3.20 -8.98
C LYS A 22 -4.02 -3.99 -10.28
N GLY A 23 -5.10 -4.70 -10.60
CA GLY A 23 -5.12 -5.50 -11.82
C GLY A 23 -6.55 -5.61 -12.37
N ASN A 1 -5.15 4.89 4.62
CA ASN A 1 -4.60 3.83 3.79
C ASN A 1 -3.38 4.37 3.05
N ASN A 2 -2.51 3.43 2.67
CA ASN A 2 -1.28 3.79 1.96
C ASN A 2 -0.23 4.26 2.97
N PHE A 3 -0.63 5.22 3.78
CA PHE A 3 0.27 5.77 4.79
C PHE A 3 0.36 4.84 6.00
N VAL A 4 -0.76 4.68 6.68
CA VAL A 4 -0.82 3.82 7.85
C VAL A 4 -0.58 2.38 7.42
N HIS A 5 -1.39 1.92 6.50
CA HIS A 5 -1.28 0.56 5.99
C HIS A 5 0.16 0.29 5.57
N ASN A 6 0.88 1.37 5.29
CA ASN A 6 2.27 1.27 4.88
C ASN A 6 2.99 0.26 5.77
N CYS A 7 2.86 0.47 7.07
CA CYS A 7 3.49 -0.42 8.04
C CYS A 7 3.26 -1.86 7.58
N VAL A 8 2.07 -2.10 7.07
CA VAL A 8 1.70 -3.44 6.60
C VAL A 8 2.16 -3.60 5.15
N ASN A 9 2.17 -2.48 4.44
CA ASN A 9 2.57 -2.48 3.04
C ASN A 9 4.00 -3.01 2.93
N ILE A 10 4.86 -2.51 3.82
CA ILE A 10 6.24 -2.91 3.83
C ILE A 10 6.35 -4.40 3.55
N THR A 11 5.45 -5.16 4.19
CA THR A 11 5.43 -6.60 4.01
C THR A 11 4.73 -6.97 2.70
N ILE A 12 3.54 -6.41 2.53
CA ILE A 12 2.76 -6.67 1.33
C ILE A 12 3.63 -6.43 0.10
N LYS A 13 4.48 -5.43 0.21
CA LYS A 13 5.38 -5.08 -0.88
C LYS A 13 4.69 -4.07 -1.81
N GLN A 14 3.43 -4.37 -2.10
CA GLN A 14 2.64 -3.50 -2.97
C GLN A 14 1.21 -3.39 -2.45
N HIS A 15 1.00 -2.41 -1.58
CA HIS A 15 -0.31 -2.17 -1.00
C HIS A 15 -1.12 -1.29 -1.93
N THR A 16 -1.21 -0.01 -1.56
CA THR A 16 -1.95 0.95 -2.35
C THR A 16 -1.78 0.66 -3.84
N VAL A 17 -0.62 0.12 -4.18
CA VAL A 17 -0.31 -0.19 -5.56
C VAL A 17 -1.52 -0.88 -6.20
N THR A 18 -2.31 -1.52 -5.35
CA THR A 18 -3.50 -2.22 -5.83
C THR A 18 -4.17 -1.43 -6.95
N THR A 19 -4.22 -0.12 -6.77
CA THR A 19 -4.82 0.75 -7.75
C THR A 19 -3.74 1.52 -8.52
N THR A 20 -3.20 2.54 -7.85
CA THR A 20 -2.17 3.35 -8.45
C THR A 20 -1.52 4.26 -7.39
N THR A 21 -2.36 5.03 -6.72
CA THR A 21 -1.88 5.94 -5.69
C THR A 21 -3.04 6.38 -4.79
N LYS A 22 -4.10 6.83 -5.43
CA LYS A 22 -5.27 7.29 -4.71
C LYS A 22 -4.83 8.09 -3.48
N GLY A 23 -4.38 9.30 -3.75
CA GLY A 23 -3.92 10.19 -2.68
C GLY A 23 -2.42 10.46 -2.80
N ASN A 1 -4.05 4.91 4.69
CA ASN A 1 -3.93 4.60 3.27
C ASN A 1 -2.50 4.19 2.96
N ASN A 2 -2.12 4.39 1.69
CA ASN A 2 -0.78 4.05 1.25
C ASN A 2 0.22 4.43 2.35
N PHE A 3 -0.13 5.47 3.10
CA PHE A 3 0.73 5.94 4.17
C PHE A 3 0.67 5.00 5.37
N VAL A 4 -0.53 4.89 5.93
CA VAL A 4 -0.74 4.04 7.09
C VAL A 4 -0.52 2.57 6.69
N HIS A 5 -1.27 2.16 5.68
CA HIS A 5 -1.16 0.79 5.19
C HIS A 5 0.30 0.47 4.89
N ASN A 6 1.09 1.51 4.70
CA ASN A 6 2.49 1.35 4.41
C ASN A 6 3.09 0.32 5.38
N CYS A 7 2.85 0.55 6.66
CA CYS A 7 3.37 -0.35 7.68
C CYS A 7 3.12 -1.79 7.23
N VAL A 8 2.02 -1.97 6.51
CA VAL A 8 1.67 -3.29 6.01
C VAL A 8 2.22 -3.46 4.59
N ASN A 9 2.29 -2.34 3.88
CA ASN A 9 2.79 -2.35 2.52
C ASN A 9 4.19 -2.97 2.50
N ILE A 10 4.92 -2.72 3.57
CA ILE A 10 6.28 -3.25 3.69
C ILE A 10 6.21 -4.76 3.89
N THR A 11 5.00 -5.24 4.15
CA THR A 11 4.79 -6.67 4.35
C THR A 11 3.99 -7.27 3.19
N ILE A 12 3.20 -6.41 2.55
CA ILE A 12 2.38 -6.83 1.43
C ILE A 12 3.17 -6.65 0.13
N LYS A 13 3.89 -5.54 0.07
CA LYS A 13 4.70 -5.23 -1.10
C LYS A 13 3.79 -4.62 -2.18
N GLN A 14 2.66 -4.10 -1.74
CA GLN A 14 1.72 -3.49 -2.65
C GLN A 14 1.00 -2.32 -1.96
N HIS A 15 -0.20 -2.60 -1.47
CA HIS A 15 -0.98 -1.59 -0.80
C HIS A 15 -0.98 -0.29 -1.62
N THR A 16 -0.06 0.59 -1.27
CA THR A 16 0.07 1.86 -1.97
C THR A 16 -0.19 1.68 -3.46
N VAL A 17 0.16 0.50 -3.95
CA VAL A 17 -0.02 0.18 -5.36
C VAL A 17 -1.42 -0.41 -5.57
N THR A 18 -1.75 -1.37 -4.71
CA THR A 18 -3.05 -2.02 -4.78
C THR A 18 -4.17 -0.98 -4.76
N THR A 19 -3.94 0.08 -4.01
CA THR A 19 -4.91 1.15 -3.90
C THR A 19 -5.14 1.81 -5.26
N THR A 20 -4.05 2.25 -5.86
CA THR A 20 -4.12 2.90 -7.15
C THR A 20 -2.83 2.66 -7.94
N THR A 21 -1.82 3.48 -7.62
CA THR A 21 -0.54 3.37 -8.28
C THR A 21 -0.55 4.13 -9.60
N LYS A 22 -1.59 3.87 -10.38
CA LYS A 22 -1.74 4.52 -11.67
C LYS A 22 -1.30 5.98 -11.55
N GLY A 23 -0.38 6.36 -12.42
CA GLY A 23 0.13 7.73 -12.42
C GLY A 23 1.43 7.83 -13.24
N ASN A 1 -3.20 5.83 4.57
CA ASN A 1 -2.92 5.58 3.17
C ASN A 1 -1.56 4.89 3.04
N ASN A 2 -1.01 4.95 1.85
CA ASN A 2 0.28 4.34 1.58
C ASN A 2 1.19 4.53 2.79
N PHE A 3 0.98 5.64 3.47
CA PHE A 3 1.78 5.96 4.65
C PHE A 3 1.43 5.03 5.81
N VAL A 4 0.16 5.07 6.19
CA VAL A 4 -0.32 4.24 7.29
C VAL A 4 -0.27 2.77 6.86
N HIS A 5 -0.78 2.50 5.67
CA HIS A 5 -0.80 1.15 5.14
C HIS A 5 0.63 0.64 4.99
N ASN A 6 1.56 1.58 4.99
CA ASN A 6 2.97 1.25 4.86
C ASN A 6 3.33 0.13 5.84
N CYS A 7 2.97 0.35 7.09
CA CYS A 7 3.24 -0.63 8.13
C CYS A 7 2.89 -2.02 7.59
N VAL A 8 1.94 -2.03 6.66
CA VAL A 8 1.51 -3.29 6.05
C VAL A 8 2.19 -3.44 4.70
N ASN A 9 2.42 -2.32 4.04
CA ASN A 9 3.06 -2.32 2.75
C ASN A 9 4.40 -3.05 2.84
N ILE A 10 4.95 -3.05 4.05
CA ILE A 10 6.23 -3.70 4.28
C ILE A 10 6.02 -5.22 4.31
N THR A 11 4.75 -5.62 4.31
CA THR A 11 4.40 -7.02 4.34
C THR A 11 3.71 -7.42 3.04
N ILE A 12 3.07 -6.44 2.43
CA ILE A 12 2.36 -6.67 1.17
C ILE A 12 3.24 -6.26 0.00
N LYS A 13 4.01 -5.20 0.22
CA LYS A 13 4.90 -4.70 -0.81
C LYS A 13 4.18 -3.62 -1.63
N GLN A 14 2.97 -3.96 -2.05
CA GLN A 14 2.17 -3.05 -2.84
C GLN A 14 0.74 -3.01 -2.33
N HIS A 15 0.52 -2.20 -1.31
CA HIS A 15 -0.79 -2.06 -0.71
C HIS A 15 -1.56 -0.94 -1.42
N THR A 16 -1.24 0.29 -1.03
CA THR A 16 -1.89 1.45 -1.60
C THR A 16 -1.71 1.46 -3.13
N VAL A 17 -0.56 0.97 -3.56
CA VAL A 17 -0.23 0.92 -4.96
C VAL A 17 -1.30 0.10 -5.69
N THR A 18 -1.84 -0.87 -4.97
CA THR A 18 -2.87 -1.74 -5.53
C THR A 18 -4.14 -0.93 -5.85
N THR A 19 -4.39 0.06 -5.00
CA THR A 19 -5.57 0.89 -5.17
C THR A 19 -5.54 1.56 -6.55
N THR A 20 -4.49 2.35 -6.77
CA THR A 20 -4.34 3.06 -8.03
C THR A 20 -3.08 2.57 -8.76
N THR A 21 -1.97 3.19 -8.42
CA THR A 21 -0.69 2.84 -9.02
C THR A 21 0.45 3.59 -8.35
N LYS A 22 1.57 3.68 -9.07
CA LYS A 22 2.74 4.37 -8.56
C LYS A 22 3.58 3.39 -7.74
N GLY A 23 4.16 2.44 -8.44
CA GLY A 23 5.00 1.44 -7.80
C GLY A 23 4.82 0.07 -8.45
N ASN A 1 -5.11 5.02 2.04
CA ASN A 1 -4.74 3.84 2.81
C ASN A 1 -3.23 3.65 2.75
N ASN A 2 -2.59 4.46 1.92
CA ASN A 2 -1.15 4.39 1.77
C ASN A 2 -0.49 4.50 3.14
N PHE A 3 -1.00 5.41 3.94
CA PHE A 3 -0.48 5.62 5.28
C PHE A 3 -0.33 4.30 6.03
N VAL A 4 -1.41 3.54 6.03
CA VAL A 4 -1.41 2.25 6.71
C VAL A 4 -0.36 1.35 6.06
N HIS A 5 0.04 1.72 4.86
CA HIS A 5 1.03 0.95 4.13
C HIS A 5 2.40 1.11 4.81
N ASN A 6 2.45 2.00 5.78
CA ASN A 6 3.67 2.26 6.51
C ASN A 6 3.98 1.06 7.41
N CYS A 7 2.95 0.26 7.66
CA CYS A 7 3.09 -0.91 8.50
C CYS A 7 2.44 -2.09 7.79
N VAL A 8 2.04 -1.86 6.55
CA VAL A 8 1.41 -2.90 5.75
C VAL A 8 2.23 -3.14 4.48
N ASN A 9 2.61 -2.03 3.85
CA ASN A 9 3.39 -2.11 2.62
C ASN A 9 4.65 -2.94 2.88
N ILE A 10 4.99 -3.06 4.16
CA ILE A 10 6.17 -3.81 4.55
C ILE A 10 5.84 -5.31 4.51
N THR A 11 4.55 -5.60 4.56
CA THR A 11 4.09 -6.97 4.53
C THR A 11 3.45 -7.30 3.18
N ILE A 12 3.02 -6.25 2.49
CA ILE A 12 2.40 -6.41 1.18
C ILE A 12 3.42 -6.07 0.09
N LYS A 13 4.19 -5.03 0.35
CA LYS A 13 5.20 -4.59 -0.60
C LYS A 13 4.58 -3.59 -1.56
N GLN A 14 3.37 -3.90 -2.01
CA GLN A 14 2.67 -3.03 -2.93
C GLN A 14 1.21 -2.86 -2.48
N HIS A 15 1.02 -1.89 -1.60
CA HIS A 15 -0.31 -1.59 -1.09
C HIS A 15 -1.07 -0.71 -2.09
N THR A 16 -1.12 0.58 -1.76
CA THR A 16 -1.80 1.54 -2.61
C THR A 16 -1.59 1.18 -4.10
N VAL A 17 -0.38 0.71 -4.38
CA VAL A 17 -0.04 0.34 -5.74
C VAL A 17 -1.12 -0.59 -6.31
N THR A 18 -1.42 -1.63 -5.54
CA THR A 18 -2.42 -2.59 -5.95
C THR A 18 -3.69 -1.87 -6.44
N THR A 19 -4.04 -0.81 -5.72
CA THR A 19 -5.21 -0.03 -6.07
C THR A 19 -4.95 0.80 -7.34
N THR A 20 -4.26 1.91 -7.14
CA THR A 20 -3.93 2.79 -8.25
C THR A 20 -2.76 3.69 -7.88
N THR A 21 -3.06 4.74 -7.12
CA THR A 21 -2.05 5.68 -6.70
C THR A 21 -2.55 6.51 -5.51
N LYS A 22 -3.76 7.04 -5.67
CA LYS A 22 -4.35 7.84 -4.62
C LYS A 22 -3.39 8.98 -4.23
N GLY A 23 -2.65 8.73 -3.16
CA GLY A 23 -1.69 9.70 -2.68
C GLY A 23 -0.87 10.28 -3.84
N ASN A 1 -4.95 1.23 4.43
CA ASN A 1 -4.86 2.21 3.36
C ASN A 1 -3.40 2.54 3.09
N ASN A 2 -3.18 3.29 2.03
CA ASN A 2 -1.83 3.69 1.65
C ASN A 2 -1.04 4.04 2.91
N PHE A 3 -1.49 5.08 3.59
CA PHE A 3 -0.84 5.53 4.81
C PHE A 3 -0.54 4.35 5.73
N VAL A 4 -1.59 3.58 6.01
CA VAL A 4 -1.45 2.42 6.87
C VAL A 4 -0.48 1.41 6.24
N HIS A 5 -0.29 1.58 4.94
CA HIS A 5 0.60 0.70 4.20
C HIS A 5 2.04 0.93 4.66
N ASN A 6 2.22 1.99 5.45
CA ASN A 6 3.53 2.33 5.96
C ASN A 6 3.92 1.33 7.05
N CYS A 7 2.95 0.54 7.47
CA CYS A 7 3.18 -0.46 8.50
C CYS A 7 2.63 -1.80 8.01
N VAL A 8 2.20 -1.80 6.75
CA VAL A 8 1.65 -3.00 6.15
C VAL A 8 2.40 -3.31 4.85
N ASN A 9 2.55 -2.27 4.04
CA ASN A 9 3.25 -2.42 2.77
C ASN A 9 4.65 -2.96 3.02
N ILE A 10 5.09 -2.85 4.27
CA ILE A 10 6.41 -3.32 4.65
C ILE A 10 6.39 -4.86 4.72
N THR A 11 5.18 -5.39 4.70
CA THR A 11 5.01 -6.84 4.76
C THR A 11 4.40 -7.36 3.46
N ILE A 12 3.82 -6.45 2.71
CA ILE A 12 3.19 -6.80 1.45
C ILE A 12 4.12 -6.38 0.30
N LYS A 13 4.74 -5.23 0.47
CA LYS A 13 5.64 -4.71 -0.54
C LYS A 13 4.85 -3.86 -1.55
N GLN A 14 3.72 -4.41 -1.94
CA GLN A 14 2.86 -3.72 -2.91
C GLN A 14 1.41 -3.66 -2.38
N HIS A 15 1.17 -2.67 -1.54
CA HIS A 15 -0.15 -2.49 -0.97
C HIS A 15 -0.97 -1.53 -1.84
N THR A 16 -1.07 -0.30 -1.36
CA THR A 16 -1.82 0.72 -2.09
C THR A 16 -1.59 0.58 -3.59
N VAL A 17 -0.42 0.08 -3.94
CA VAL A 17 -0.06 -0.11 -5.33
C VAL A 17 -1.24 -0.74 -6.06
N THR A 18 -2.05 -1.47 -5.31
CA THR A 18 -3.21 -2.12 -5.88
C THR A 18 -3.86 -1.24 -6.95
N THR A 19 -4.27 -0.06 -6.51
CA THR A 19 -4.90 0.90 -7.41
C THR A 19 -3.90 1.96 -7.86
N THR A 20 -3.37 2.67 -6.88
CA THR A 20 -2.41 3.72 -7.15
C THR A 20 -3.12 5.02 -7.51
N THR A 21 -4.42 4.90 -7.75
CA THR A 21 -5.23 6.06 -8.11
C THR A 21 -5.25 7.06 -6.95
N LYS A 22 -5.92 6.65 -5.88
CA LYS A 22 -6.02 7.50 -4.71
C LYS A 22 -4.70 8.23 -4.47
N GLY A 23 -4.82 9.49 -4.11
CA GLY A 23 -3.64 10.32 -3.86
C GLY A 23 -3.77 11.07 -2.54
N ASN A 1 -4.00 3.81 3.89
CA ASN A 1 -3.43 4.58 2.79
C ASN A 1 -1.90 4.44 2.83
N ASN A 2 -1.24 5.18 1.95
CA ASN A 2 0.20 5.14 1.86
C ASN A 2 0.79 5.09 3.27
N PHE A 3 0.45 6.11 4.06
CA PHE A 3 0.93 6.19 5.43
C PHE A 3 0.74 4.85 6.16
N VAL A 4 -0.50 4.39 6.15
CA VAL A 4 -0.82 3.13 6.80
C VAL A 4 -0.02 2.00 6.16
N HIS A 5 0.48 2.28 4.97
CA HIS A 5 1.27 1.30 4.24
C HIS A 5 2.62 1.09 4.94
N ASN A 6 2.86 1.94 5.94
CA ASN A 6 4.10 1.86 6.69
C ASN A 6 4.05 0.64 7.62
N CYS A 7 2.85 0.14 7.82
CA CYS A 7 2.66 -1.02 8.67
C CYS A 7 1.77 -2.03 7.93
N VAL A 8 1.50 -1.72 6.66
CA VAL A 8 0.67 -2.57 5.84
C VAL A 8 1.46 -3.00 4.61
N ASN A 9 2.07 -2.01 3.96
CA ASN A 9 2.85 -2.26 2.76
C ASN A 9 3.89 -3.35 3.06
N ILE A 10 4.17 -3.53 4.34
CA ILE A 10 5.13 -4.53 4.78
C ILE A 10 4.54 -5.93 4.55
N THR A 11 3.26 -5.94 4.20
CA THR A 11 2.56 -7.20 3.96
C THR A 11 2.15 -7.30 2.50
N ILE A 12 1.90 -6.14 1.89
CA ILE A 12 1.49 -6.09 0.50
C ILE A 12 2.74 -5.98 -0.38
N LYS A 13 3.71 -5.22 0.11
CA LYS A 13 4.96 -5.02 -0.61
C LYS A 13 4.82 -3.81 -1.53
N GLN A 14 3.65 -3.70 -2.14
CA GLN A 14 3.37 -2.59 -3.04
C GLN A 14 1.96 -2.05 -2.83
N HIS A 15 1.84 -1.13 -1.88
CA HIS A 15 0.56 -0.55 -1.57
C HIS A 15 0.33 0.68 -2.45
N THR A 16 0.72 1.83 -1.93
CA THR A 16 0.55 3.08 -2.65
C THR A 16 0.79 2.86 -4.14
N VAL A 17 1.73 1.98 -4.44
CA VAL A 17 2.06 1.67 -5.83
C VAL A 17 0.78 1.30 -6.58
N THR A 18 0.07 0.32 -6.04
CA THR A 18 -1.17 -0.13 -6.66
C THR A 18 -2.22 0.99 -6.61
N THR A 19 -2.28 1.65 -5.47
CA THR A 19 -3.23 2.73 -5.28
C THR A 19 -4.61 2.18 -4.92
N THR A 20 -5.06 1.23 -5.73
CA THR A 20 -6.36 0.61 -5.51
C THR A 20 -6.50 -0.64 -6.36
N THR A 21 -6.37 -0.45 -7.67
CA THR A 21 -6.48 -1.56 -8.61
C THR A 21 -5.65 -2.74 -8.13
N LYS A 22 -5.90 -3.89 -8.76
CA LYS A 22 -5.17 -5.10 -8.42
C LYS A 22 -5.67 -5.61 -7.05
N GLY A 23 -6.50 -6.64 -7.11
CA GLY A 23 -7.05 -7.21 -5.89
C GLY A 23 -8.56 -7.40 -6.00
N ASN A 1 -4.33 2.90 5.36
CA ASN A 1 -4.11 3.69 4.15
C ASN A 1 -2.61 3.71 3.84
N ASN A 2 -2.26 4.47 2.81
CA ASN A 2 -0.87 4.59 2.40
C ASN A 2 0.00 4.70 3.64
N PHE A 3 -0.30 5.69 4.47
CA PHE A 3 0.45 5.92 5.69
C PHE A 3 0.64 4.61 6.46
N VAL A 4 -0.47 3.94 6.73
CA VAL A 4 -0.43 2.68 7.45
C VAL A 4 0.42 1.68 6.67
N HIS A 5 0.60 1.96 5.39
CA HIS A 5 1.39 1.10 4.54
C HIS A 5 2.87 1.18 4.94
N ASN A 6 3.14 2.12 5.82
CA ASN A 6 4.51 2.32 6.29
C ASN A 6 4.90 1.16 7.20
N CYS A 7 3.89 0.44 7.66
CA CYS A 7 4.11 -0.70 8.55
C CYS A 7 3.25 -1.86 8.05
N VAL A 8 2.65 -1.66 6.90
CA VAL A 8 1.79 -2.69 6.30
C VAL A 8 2.33 -3.05 4.91
N ASN A 9 2.67 -2.02 4.16
CA ASN A 9 3.19 -2.21 2.82
C ASN A 9 4.40 -3.15 2.88
N ILE A 10 4.97 -3.25 4.08
CA ILE A 10 6.13 -4.10 4.27
C ILE A 10 5.67 -5.56 4.38
N THR A 11 4.40 -5.73 4.69
CA THR A 11 3.82 -7.06 4.82
C THR A 11 3.00 -7.41 3.57
N ILE A 12 2.62 -6.37 2.85
CA ILE A 12 1.83 -6.56 1.64
C ILE A 12 2.74 -6.40 0.42
N LYS A 13 3.56 -5.36 0.46
CA LYS A 13 4.48 -5.07 -0.62
C LYS A 13 3.81 -4.13 -1.62
N GLN A 14 2.51 -4.33 -1.80
CA GLN A 14 1.74 -3.50 -2.70
C GLN A 14 0.41 -3.08 -2.07
N HIS A 15 0.49 -2.00 -1.29
CA HIS A 15 -0.70 -1.49 -0.62
C HIS A 15 -1.31 -0.35 -1.42
N THR A 16 -1.04 0.87 -0.97
CA THR A 16 -1.54 2.05 -1.65
C THR A 16 -1.50 1.85 -3.16
N VAL A 17 -0.53 1.07 -3.60
CA VAL A 17 -0.37 0.79 -5.02
C VAL A 17 -1.75 0.60 -5.66
N THR A 18 -2.68 0.11 -4.85
CA THR A 18 -4.03 -0.13 -5.32
C THR A 18 -4.47 0.99 -6.27
N THR A 19 -4.36 2.22 -5.78
CA THR A 19 -4.73 3.37 -6.58
C THR A 19 -4.29 3.19 -8.03
N THR A 20 -2.99 3.00 -8.21
CA THR A 20 -2.44 2.82 -9.54
C THR A 20 -2.99 1.54 -10.17
N THR A 21 -2.75 0.43 -9.50
CA THR A 21 -3.23 -0.86 -9.99
C THR A 21 -4.71 -0.79 -10.34
N LYS A 22 -5.17 -1.79 -11.07
CA LYS A 22 -6.57 -1.84 -11.47
C LYS A 22 -6.78 -0.92 -12.67
N GLY A 23 -7.40 -1.47 -13.70
CA GLY A 23 -7.67 -0.71 -14.90
C GLY A 23 -6.73 -1.11 -16.04
N ASN A 1 -5.29 4.24 2.92
CA ASN A 1 -4.22 3.30 2.68
C ASN A 1 -2.96 4.06 2.23
N ASN A 2 -1.95 3.29 1.88
CA ASN A 2 -0.69 3.88 1.43
C ASN A 2 0.07 4.43 2.65
N PHE A 3 -0.60 5.32 3.37
CA PHE A 3 0.00 5.93 4.55
C PHE A 3 0.07 4.92 5.70
N VAL A 4 -1.05 4.84 6.42
CA VAL A 4 -1.13 3.93 7.56
C VAL A 4 -0.92 2.49 7.07
N HIS A 5 -1.66 2.15 6.02
CA HIS A 5 -1.57 0.82 5.46
C HIS A 5 -0.10 0.47 5.20
N ASN A 6 0.71 1.51 5.08
CA ASN A 6 2.13 1.32 4.84
C ASN A 6 2.66 0.22 5.76
N CYS A 7 2.38 0.37 7.04
CA CYS A 7 2.83 -0.59 8.03
C CYS A 7 2.56 -2.00 7.49
N VAL A 8 1.42 -2.12 6.80
CA VAL A 8 1.05 -3.40 6.22
C VAL A 8 1.81 -3.61 4.91
N ASN A 9 1.97 -2.52 4.18
CA ASN A 9 2.69 -2.56 2.91
C ASN A 9 4.02 -3.30 3.11
N ILE A 10 4.73 -2.89 4.15
CA ILE A 10 6.02 -3.49 4.45
C ILE A 10 5.94 -5.00 4.23
N THR A 11 4.74 -5.53 4.44
CA THR A 11 4.51 -6.95 4.27
C THR A 11 4.00 -7.25 2.85
N ILE A 12 3.14 -6.36 2.38
CA ILE A 12 2.57 -6.52 1.05
C ILE A 12 3.68 -6.43 0.01
N LYS A 13 4.65 -5.58 0.30
CA LYS A 13 5.78 -5.39 -0.61
C LYS A 13 5.43 -4.32 -1.64
N GLN A 14 4.28 -4.51 -2.28
CA GLN A 14 3.83 -3.57 -3.29
C GLN A 14 2.36 -3.23 -3.07
N HIS A 15 2.13 -2.28 -2.16
CA HIS A 15 0.78 -1.85 -1.85
C HIS A 15 0.38 -0.70 -2.78
N THR A 16 0.27 0.48 -2.18
CA THR A 16 -0.11 1.66 -2.95
C THR A 16 0.54 1.64 -4.33
N VAL A 17 1.69 1.00 -4.39
CA VAL A 17 2.43 0.90 -5.65
C VAL A 17 1.44 0.74 -6.80
N THR A 18 0.52 -0.20 -6.62
CA THR A 18 -0.49 -0.46 -7.64
C THR A 18 -1.08 0.85 -8.15
N THR A 19 -2.03 1.37 -7.39
CA THR A 19 -2.68 2.62 -7.75
C THR A 19 -3.29 3.29 -6.52
N THR A 20 -4.44 2.77 -6.11
CA THR A 20 -5.13 3.30 -4.95
C THR A 20 -6.19 2.31 -4.46
N THR A 21 -7.07 1.95 -5.37
CA THR A 21 -8.14 1.01 -5.04
C THR A 21 -8.64 1.24 -3.61
N LYS A 22 -8.21 0.37 -2.72
CA LYS A 22 -8.60 0.47 -1.33
C LYS A 22 -8.62 1.94 -0.91
N GLY A 23 -9.83 2.47 -0.77
CA GLY A 23 -10.01 3.85 -0.38
C GLY A 23 -11.46 4.28 -0.53
N ASN A 1 -6.87 0.96 5.64
CA ASN A 1 -5.61 0.44 5.13
C ASN A 1 -5.15 1.33 3.98
N ASN A 2 -4.10 0.88 3.30
CA ASN A 2 -3.54 1.61 2.17
C ASN A 2 -2.70 2.77 2.71
N PHE A 3 -3.32 3.59 3.53
CA PHE A 3 -2.65 4.74 4.11
C PHE A 3 -1.68 4.30 5.21
N VAL A 4 -2.23 4.17 6.42
CA VAL A 4 -1.44 3.76 7.56
C VAL A 4 -0.85 2.38 7.31
N HIS A 5 -1.70 1.50 6.79
CA HIS A 5 -1.28 0.14 6.50
C HIS A 5 -0.08 0.16 5.55
N ASN A 6 0.10 1.31 4.90
CA ASN A 6 1.19 1.47 3.96
C ASN A 6 2.48 0.98 4.61
N CYS A 7 2.75 1.50 5.80
CA CYS A 7 3.95 1.12 6.53
C CYS A 7 4.04 -0.41 6.54
N VAL A 8 2.87 -1.04 6.53
CA VAL A 8 2.80 -2.49 6.54
C VAL A 8 2.83 -3.01 5.10
N ASN A 9 2.34 -2.17 4.20
CA ASN A 9 2.30 -2.53 2.78
C ASN A 9 3.72 -2.74 2.28
N ILE A 10 4.57 -1.77 2.56
CA ILE A 10 5.96 -1.83 2.14
C ILE A 10 6.47 -3.27 2.30
N THR A 11 5.93 -3.95 3.30
CA THR A 11 6.32 -5.33 3.57
C THR A 11 5.58 -6.28 2.63
N ILE A 12 4.28 -6.07 2.53
CA ILE A 12 3.44 -6.89 1.68
C ILE A 12 3.80 -6.63 0.22
N LYS A 13 3.79 -5.36 -0.15
CA LYS A 13 4.11 -4.96 -1.51
C LYS A 13 3.04 -5.50 -2.46
N GLN A 14 1.79 -5.28 -2.07
CA GLN A 14 0.67 -5.74 -2.88
C GLN A 14 -0.51 -4.77 -2.74
N HIS A 15 -0.86 -4.47 -1.50
CA HIS A 15 -1.95 -3.56 -1.23
C HIS A 15 -1.71 -2.24 -1.94
N THR A 16 -1.32 -1.24 -1.16
CA THR A 16 -1.06 0.08 -1.71
C THR A 16 -0.48 -0.04 -3.12
N VAL A 17 0.36 -1.05 -3.30
CA VAL A 17 0.97 -1.28 -4.60
C VAL A 17 -0.09 -1.22 -5.69
N THR A 18 -1.11 -2.05 -5.52
CA THR A 18 -2.19 -2.11 -6.48
C THR A 18 -2.63 -0.70 -6.88
N THR A 19 -2.72 0.16 -5.89
CA THR A 19 -3.11 1.54 -6.12
C THR A 19 -1.88 2.44 -6.23
N THR A 20 -1.44 2.93 -5.08
CA THR A 20 -0.28 3.80 -5.04
C THR A 20 -0.68 5.25 -5.33
N THR A 21 -1.91 5.40 -5.81
CA THR A 21 -2.42 6.72 -6.14
C THR A 21 -3.04 7.38 -4.89
N LYS A 22 -3.56 8.58 -5.09
CA LYS A 22 -4.18 9.31 -4.00
C LYS A 22 -4.70 10.65 -4.54
N GLY A 23 -5.87 11.03 -4.04
CA GLY A 23 -6.50 12.27 -4.46
C GLY A 23 -8.00 12.10 -4.61
N ASN A 1 -3.78 5.91 3.50
CA ASN A 1 -3.79 4.77 2.60
C ASN A 1 -2.34 4.38 2.27
N ASN A 2 -1.43 5.23 2.69
CA ASN A 2 -0.01 4.99 2.45
C ASN A 2 0.74 4.96 3.78
N PHE A 3 0.41 5.93 4.63
CA PHE A 3 1.04 6.03 5.93
C PHE A 3 1.04 4.67 6.64
N VAL A 4 -0.14 4.08 6.74
CA VAL A 4 -0.29 2.80 7.39
C VAL A 4 0.53 1.76 6.64
N HIS A 5 0.89 2.10 5.41
CA HIS A 5 1.68 1.21 4.57
C HIS A 5 3.10 1.11 5.13
N ASN A 6 3.37 1.95 6.11
CA ASN A 6 4.68 1.97 6.74
C ASN A 6 4.86 0.72 7.60
N CYS A 7 3.73 0.10 7.91
CA CYS A 7 3.75 -1.10 8.74
C CYS A 7 2.84 -2.14 8.06
N VAL A 8 2.40 -1.81 6.86
CA VAL A 8 1.54 -2.70 6.11
C VAL A 8 2.19 -3.04 4.77
N ASN A 9 2.70 -2.00 4.12
CA ASN A 9 3.35 -2.17 2.83
C ASN A 9 4.46 -3.21 2.97
N ILE A 10 4.89 -3.41 4.21
CA ILE A 10 5.95 -4.37 4.49
C ILE A 10 5.36 -5.79 4.44
N THR A 11 4.06 -5.87 4.62
CA THR A 11 3.37 -7.14 4.60
C THR A 11 2.59 -7.31 3.31
N ILE A 12 2.29 -6.18 2.68
CA ILE A 12 1.55 -6.19 1.43
C ILE A 12 2.51 -6.01 0.26
N LYS A 13 3.47 -5.12 0.46
CA LYS A 13 4.46 -4.84 -0.57
C LYS A 13 3.95 -3.72 -1.48
N GLN A 14 2.67 -3.81 -1.81
CA GLN A 14 2.05 -2.83 -2.67
C GLN A 14 0.68 -2.41 -2.11
N HIS A 15 0.73 -1.42 -1.22
CA HIS A 15 -0.50 -0.92 -0.60
C HIS A 15 -1.14 0.14 -1.50
N THR A 16 -0.86 1.39 -1.16
CA THR A 16 -1.40 2.50 -1.93
C THR A 16 -1.43 2.16 -3.42
N VAL A 17 -0.46 1.35 -3.84
CA VAL A 17 -0.38 0.94 -5.23
C VAL A 17 -1.77 0.57 -5.73
N THR A 18 -2.61 0.14 -4.80
CA THR A 18 -3.97 -0.24 -5.13
C THR A 18 -4.54 0.70 -6.20
N THR A 19 -4.46 1.99 -5.91
CA THR A 19 -4.96 3.00 -6.82
C THR A 19 -4.54 2.67 -8.27
N THR A 20 -3.23 2.58 -8.46
CA THR A 20 -2.69 2.27 -9.77
C THR A 20 -3.16 0.90 -10.24
N THR A 21 -2.86 -0.11 -9.42
CA THR A 21 -3.24 -1.47 -9.74
C THR A 21 -4.72 -1.52 -10.14
N LYS A 22 -5.04 -2.47 -11.01
CA LYS A 22 -6.40 -2.64 -11.49
C LYS A 22 -6.45 -3.85 -12.43
N GLY A 23 -7.67 -4.32 -12.65
CA GLY A 23 -7.88 -5.46 -13.54
C GLY A 23 -7.52 -6.78 -12.83
N ASN A 1 -4.56 3.45 5.16
CA ASN A 1 -4.28 4.02 3.85
C ASN A 1 -2.78 3.92 3.57
N ASN A 2 -2.37 4.55 2.47
CA ASN A 2 -0.97 4.54 2.09
C ASN A 2 -0.10 4.69 3.33
N PHE A 3 -0.44 5.68 4.14
CA PHE A 3 0.31 5.93 5.37
C PHE A 3 0.50 4.65 6.17
N VAL A 4 -0.61 3.96 6.41
CA VAL A 4 -0.57 2.71 7.16
C VAL A 4 0.26 1.69 6.40
N HIS A 5 0.47 1.97 5.11
CA HIS A 5 1.25 1.08 4.27
C HIS A 5 2.73 1.15 4.66
N ASN A 6 3.01 2.07 5.57
CA ASN A 6 4.38 2.26 6.05
C ASN A 6 4.75 1.10 6.97
N CYS A 7 3.73 0.44 7.49
CA CYS A 7 3.93 -0.68 8.39
C CYS A 7 3.09 -1.86 7.89
N VAL A 8 2.49 -1.66 6.72
CA VAL A 8 1.66 -2.69 6.12
C VAL A 8 2.24 -3.08 4.76
N ASN A 9 2.53 -2.07 3.96
CA ASN A 9 3.09 -2.29 2.64
C ASN A 9 4.38 -3.11 2.77
N ILE A 10 4.92 -3.11 3.98
CA ILE A 10 6.14 -3.85 4.24
C ILE A 10 5.82 -5.33 4.39
N THR A 11 4.53 -5.62 4.49
CA THR A 11 4.07 -6.99 4.64
C THR A 11 3.24 -7.40 3.42
N ILE A 12 2.71 -6.40 2.74
CA ILE A 12 1.90 -6.65 1.55
C ILE A 12 2.71 -6.34 0.30
N LYS A 13 3.51 -5.27 0.40
CA LYS A 13 4.34 -4.85 -0.70
C LYS A 13 3.46 -4.34 -1.84
N GLN A 14 2.30 -3.84 -1.45
CA GLN A 14 1.35 -3.30 -2.41
C GLN A 14 0.55 -2.15 -1.81
N HIS A 15 -0.55 -2.51 -1.17
CA HIS A 15 -1.41 -1.52 -0.54
C HIS A 15 -1.54 -0.30 -1.45
N THR A 16 -0.87 0.77 -1.06
CA THR A 16 -0.91 2.00 -1.83
C THR A 16 -1.02 1.69 -3.33
N VAL A 17 -0.30 0.66 -3.75
CA VAL A 17 -0.31 0.25 -5.14
C VAL A 17 -1.77 0.14 -5.61
N THR A 18 -2.54 -0.66 -4.90
CA THR A 18 -3.94 -0.85 -5.24
C THR A 18 -4.56 0.46 -5.72
N THR A 19 -4.22 1.53 -5.02
CA THR A 19 -4.73 2.84 -5.35
C THR A 19 -4.75 3.04 -6.87
N THR A 20 -3.56 3.07 -7.45
CA THR A 20 -3.42 3.25 -8.88
C THR A 20 -3.12 1.91 -9.56
N THR A 21 -2.07 1.26 -9.08
CA THR A 21 -1.68 -0.03 -9.62
C THR A 21 -1.68 0.02 -11.16
N LYS A 22 -1.73 -1.16 -11.75
CA LYS A 22 -1.74 -1.27 -13.19
C LYS A 22 -1.45 -2.72 -13.60
N GLY A 23 -0.23 -3.15 -13.32
CA GLY A 23 0.19 -4.50 -13.64
C GLY A 23 -0.69 -5.53 -12.93
N ASN A 1 -3.93 4.46 6.15
CA ASN A 1 -4.17 3.95 4.82
C ASN A 1 -2.83 3.66 4.14
N ASN A 2 -2.84 3.74 2.82
CA ASN A 2 -1.65 3.48 2.03
C ASN A 2 -0.44 4.07 2.77
N PHE A 3 -0.69 5.14 3.50
CA PHE A 3 0.36 5.80 4.25
C PHE A 3 0.71 5.02 5.52
N VAL A 4 -0.27 4.94 6.41
CA VAL A 4 -0.08 4.22 7.66
C VAL A 4 0.11 2.74 7.37
N HIS A 5 -0.87 2.16 6.71
CA HIS A 5 -0.81 0.75 6.37
C HIS A 5 0.53 0.43 5.72
N ASN A 6 1.16 1.46 5.18
CA ASN A 6 2.45 1.31 4.53
C ASN A 6 3.34 0.42 5.40
N CYS A 7 3.47 0.81 6.66
CA CYS A 7 4.29 0.06 7.60
C CYS A 7 3.98 -1.43 7.41
N VAL A 8 2.71 -1.71 7.18
CA VAL A 8 2.27 -3.08 6.99
C VAL A 8 2.47 -3.48 5.53
N ASN A 9 2.35 -2.49 4.66
CA ASN A 9 2.51 -2.72 3.23
C ASN A 9 3.95 -3.13 2.94
N ILE A 10 4.83 -2.80 3.88
CA ILE A 10 6.24 -3.12 3.74
C ILE A 10 6.41 -4.63 3.81
N THR A 11 5.33 -5.31 4.18
CA THR A 11 5.36 -6.76 4.28
C THR A 11 4.52 -7.39 3.17
N ILE A 12 3.60 -6.60 2.65
CA ILE A 12 2.74 -7.06 1.57
C ILE A 12 3.33 -6.66 0.23
N LYS A 13 3.77 -5.41 0.16
CA LYS A 13 4.37 -4.89 -1.06
C LYS A 13 3.27 -4.66 -2.10
N GLN A 14 2.13 -4.15 -1.62
CA GLN A 14 1.01 -3.89 -2.49
C GLN A 14 0.16 -2.75 -1.92
N HIS A 15 -1.01 -3.14 -1.41
CA HIS A 15 -1.92 -2.17 -0.83
C HIS A 15 -1.89 -0.87 -1.65
N THR A 16 -1.18 0.12 -1.12
CA THR A 16 -1.06 1.39 -1.80
C THR A 16 -1.02 1.20 -3.31
N VAL A 17 -0.21 0.23 -3.73
CA VAL A 17 -0.07 -0.06 -5.14
C VAL A 17 -1.45 -0.03 -5.81
N THR A 18 -2.37 -0.77 -5.22
CA THR A 18 -3.73 -0.82 -5.73
C THR A 18 -4.25 0.58 -6.05
N THR A 19 -3.93 1.50 -5.15
CA THR A 19 -4.36 2.88 -5.31
C THR A 19 -3.63 3.52 -6.49
N THR A 20 -2.32 3.34 -6.51
CA THR A 20 -1.51 3.91 -7.58
C THR A 20 -1.95 3.36 -8.93
N THR A 21 -1.94 2.03 -9.03
CA THR A 21 -2.34 1.37 -10.26
C THR A 21 -3.15 0.11 -9.95
N LYS A 22 -3.78 -0.42 -10.98
CA LYS A 22 -4.59 -1.62 -10.84
C LYS A 22 -6.00 -1.23 -10.38
N GLY A 23 -6.89 -1.16 -11.35
CA GLY A 23 -8.27 -0.80 -11.06
C GLY A 23 -9.21 -1.97 -11.34
N ASN A 1 -4.36 4.94 4.19
CA ASN A 1 -4.52 3.61 3.64
C ASN A 1 -3.26 3.21 2.88
N ASN A 2 -2.37 4.17 2.74
CA ASN A 2 -1.11 3.95 2.05
C ASN A 2 0.05 4.25 2.99
N PHE A 3 -0.12 5.29 3.79
CA PHE A 3 0.91 5.68 4.74
C PHE A 3 0.86 4.81 5.99
N VAL A 4 -0.27 4.89 6.68
CA VAL A 4 -0.46 4.12 7.90
C VAL A 4 -0.40 2.63 7.57
N HIS A 5 -1.08 2.27 6.49
CA HIS A 5 -1.11 0.89 6.06
C HIS A 5 0.27 0.48 5.51
N ASN A 6 1.13 1.48 5.40
CA ASN A 6 2.47 1.25 4.89
C ASN A 6 3.20 0.27 5.81
N CYS A 7 3.12 0.55 7.10
CA CYS A 7 3.76 -0.29 8.09
C CYS A 7 3.46 -1.76 7.75
N VAL A 8 2.24 -1.98 7.30
CA VAL A 8 1.82 -3.33 6.94
C VAL A 8 2.24 -3.61 5.49
N ASN A 9 2.31 -2.55 4.71
CA ASN A 9 2.71 -2.67 3.32
C ASN A 9 4.10 -3.29 3.24
N ILE A 10 4.98 -2.81 4.10
CA ILE A 10 6.34 -3.30 4.14
C ILE A 10 6.35 -4.82 3.92
N THR A 11 5.27 -5.44 4.37
CA THR A 11 5.13 -6.89 4.23
C THR A 11 4.58 -7.23 2.84
N ILE A 12 3.49 -6.57 2.50
CA ILE A 12 2.85 -6.80 1.20
C ILE A 12 3.84 -6.46 0.09
N LYS A 13 4.59 -5.40 0.31
CA LYS A 13 5.59 -4.96 -0.66
C LYS A 13 4.94 -3.94 -1.61
N GLN A 14 3.70 -4.22 -1.97
CA GLN A 14 2.96 -3.35 -2.87
C GLN A 14 1.52 -3.19 -2.39
N HIS A 15 1.32 -2.23 -1.50
CA HIS A 15 -0.01 -1.97 -0.97
C HIS A 15 -0.71 -0.91 -1.82
N THR A 16 -0.69 0.31 -1.32
CA THR A 16 -1.31 1.42 -2.02
C THR A 16 -1.13 1.27 -3.53
N VAL A 17 0.12 1.05 -3.93
CA VAL A 17 0.44 0.88 -5.33
C VAL A 17 -0.63 0.02 -5.99
N THR A 18 -0.93 -1.09 -5.35
CA THR A 18 -1.92 -2.01 -5.87
C THR A 18 -3.15 -1.25 -6.35
N THR A 19 -3.52 -0.24 -5.58
CA THR A 19 -4.69 0.58 -5.92
C THR A 19 -4.62 1.00 -7.39
N THR A 20 -3.74 1.95 -7.67
CA THR A 20 -3.56 2.45 -9.01
C THR A 20 -4.60 3.53 -9.31
N THR A 21 -5.58 3.64 -8.43
CA THR A 21 -6.63 4.63 -8.59
C THR A 21 -6.04 6.01 -8.79
N LYS A 22 -6.67 6.78 -9.67
CA LYS A 22 -6.22 8.12 -9.96
C LYS A 22 -7.06 8.71 -11.09
N GLY A 23 -7.29 7.87 -12.10
CA GLY A 23 -8.07 8.30 -13.25
C GLY A 23 -8.02 7.24 -14.37
N ASN A 1 -6.30 3.33 3.88
CA ASN A 1 -5.22 2.38 3.72
C ASN A 1 -4.16 2.97 2.79
N ASN A 2 -3.35 2.08 2.23
CA ASN A 2 -2.29 2.50 1.31
C ASN A 2 -1.25 3.31 2.08
N PHE A 3 -1.71 4.40 2.67
CA PHE A 3 -0.82 5.26 3.44
C PHE A 3 -0.46 4.62 4.77
N VAL A 4 -1.29 4.90 5.78
CA VAL A 4 -1.06 4.36 7.10
C VAL A 4 -0.97 2.83 7.02
N HIS A 5 -1.68 2.28 6.05
CA HIS A 5 -1.67 0.84 5.85
C HIS A 5 -0.37 0.41 5.18
N ASN A 6 0.46 1.41 4.89
CA ASN A 6 1.74 1.15 4.25
C ASN A 6 2.64 0.39 5.22
N CYS A 7 2.57 0.79 6.49
CA CYS A 7 3.38 0.16 7.52
C CYS A 7 3.09 -1.34 7.50
N VAL A 8 1.93 -1.68 6.94
CA VAL A 8 1.53 -3.08 6.86
C VAL A 8 1.57 -3.52 5.40
N ASN A 9 1.52 -2.55 4.51
CA ASN A 9 1.56 -2.83 3.08
C ASN A 9 3.01 -3.10 2.67
N ILE A 10 3.91 -2.28 3.16
CA ILE A 10 5.32 -2.43 2.85
C ILE A 10 5.68 -3.92 2.79
N THR A 11 5.38 -4.60 3.88
CA THR A 11 5.66 -6.03 3.97
C THR A 11 5.20 -6.74 2.70
N ILE A 12 3.98 -6.40 2.29
CA ILE A 12 3.40 -7.00 1.09
C ILE A 12 4.01 -6.33 -0.16
N LYS A 13 3.75 -5.04 -0.27
CA LYS A 13 4.26 -4.28 -1.40
C LYS A 13 3.48 -4.66 -2.66
N GLN A 14 2.17 -4.53 -2.57
CA GLN A 14 1.30 -4.85 -3.69
C GLN A 14 0.29 -3.72 -3.91
N HIS A 15 -0.25 -3.22 -2.81
CA HIS A 15 -1.23 -2.15 -2.87
C HIS A 15 -0.51 -0.80 -3.01
N THR A 16 -0.12 -0.26 -1.86
CA THR A 16 0.57 1.02 -1.84
C THR A 16 1.52 1.13 -3.03
N VAL A 17 2.05 -0.02 -3.43
CA VAL A 17 2.98 -0.06 -4.55
C VAL A 17 2.27 0.45 -5.81
N THR A 18 1.17 -0.21 -6.14
CA THR A 18 0.39 0.16 -7.31
C THR A 18 -0.07 1.61 -7.20
N THR A 19 -0.61 1.94 -6.04
CA THR A 19 -1.10 3.29 -5.79
C THR A 19 -1.92 3.33 -4.50
N THR A 20 -3.05 2.65 -4.54
CA THR A 20 -3.94 2.59 -3.39
C THR A 20 -4.94 1.44 -3.53
N THR A 21 -5.84 1.61 -4.49
CA THR A 21 -6.85 0.59 -4.74
C THR A 21 -7.50 0.81 -6.11
N LYS A 22 -7.83 2.07 -6.37
CA LYS A 22 -8.46 2.42 -7.63
C LYS A 22 -9.60 1.46 -7.92
N GLY A 23 -10.06 1.48 -9.16
CA GLY A 23 -11.14 0.61 -9.59
C GLY A 23 -12.39 1.42 -9.93
N ASN A 1 -5.29 1.51 4.69
CA ASN A 1 -5.32 2.45 3.58
C ASN A 1 -3.90 2.61 3.02
N ASN A 2 -3.78 3.49 2.03
CA ASN A 2 -2.50 3.74 1.40
C ASN A 2 -1.46 4.05 2.48
N PHE A 3 -1.84 4.92 3.40
CA PHE A 3 -0.96 5.31 4.48
C PHE A 3 -0.59 4.11 5.34
N VAL A 4 -1.61 3.33 5.70
CA VAL A 4 -1.41 2.16 6.52
C VAL A 4 -0.34 1.26 5.88
N HIS A 5 -0.14 1.48 4.59
CA HIS A 5 0.84 0.71 3.84
C HIS A 5 2.24 1.05 4.35
N ASN A 6 2.32 2.11 5.13
CA ASN A 6 3.59 2.55 5.68
C ASN A 6 4.07 1.53 6.71
N CYS A 7 3.15 0.70 7.15
CA CYS A 7 3.45 -0.32 8.14
C CYS A 7 2.81 -1.64 7.69
N VAL A 8 2.28 -1.62 6.48
CA VAL A 8 1.64 -2.79 5.92
C VAL A 8 2.31 -3.16 4.60
N ASN A 9 2.58 -2.14 3.79
CA ASN A 9 3.21 -2.35 2.50
C ASN A 9 4.52 -3.10 2.70
N ILE A 10 5.02 -3.07 3.94
CA ILE A 10 6.25 -3.74 4.27
C ILE A 10 5.99 -5.25 4.40
N THR A 11 4.72 -5.58 4.54
CA THR A 11 4.32 -6.97 4.67
C THR A 11 3.50 -7.41 3.47
N ILE A 12 3.00 -6.42 2.74
CA ILE A 12 2.19 -6.68 1.55
C ILE A 12 3.01 -6.38 0.31
N LYS A 13 3.78 -5.30 0.39
CA LYS A 13 4.61 -4.89 -0.73
C LYS A 13 3.75 -4.73 -1.98
N GLN A 14 2.56 -4.18 -1.77
CA GLN A 14 1.63 -3.96 -2.86
C GLN A 14 0.66 -2.82 -2.52
N HIS A 15 0.17 -2.85 -1.30
CA HIS A 15 -0.76 -1.83 -0.83
C HIS A 15 -0.35 -0.47 -1.40
N THR A 16 -1.33 0.41 -1.50
CA THR A 16 -1.09 1.74 -2.01
C THR A 16 -0.98 1.72 -3.54
N VAL A 17 -0.11 0.83 -4.03
CA VAL A 17 0.10 0.69 -5.46
C VAL A 17 -1.14 0.06 -6.09
N THR A 18 -1.52 -1.09 -5.56
CA THR A 18 -2.69 -1.80 -6.06
C THR A 18 -3.84 -0.83 -6.31
N THR A 19 -4.29 -0.21 -5.23
CA THR A 19 -5.38 0.74 -5.30
C THR A 19 -5.24 1.61 -6.56
N THR A 20 -4.12 2.32 -6.62
CA THR A 20 -3.86 3.19 -7.76
C THR A 20 -2.36 3.50 -7.85
N THR A 21 -1.90 4.29 -6.89
CA THR A 21 -0.49 4.66 -6.84
C THR A 21 -0.19 5.45 -5.57
N LYS A 22 -1.00 6.47 -5.33
CA LYS A 22 -0.83 7.31 -4.16
C LYS A 22 0.66 7.56 -3.92
N GLY A 23 1.18 8.53 -4.66
CA GLY A 23 2.59 8.87 -4.54
C GLY A 23 3.33 8.61 -5.86
N ASN A 1 -6.59 4.17 4.93
CA ASN A 1 -5.83 3.03 4.43
C ASN A 1 -4.92 3.50 3.29
N ASN A 2 -4.01 2.60 2.89
CA ASN A 2 -3.09 2.92 1.82
C ASN A 2 -1.87 3.64 2.40
N PHE A 3 -2.15 4.60 3.26
CA PHE A 3 -1.10 5.37 3.89
C PHE A 3 -0.53 4.64 5.11
N VAL A 4 -1.21 4.80 6.24
CA VAL A 4 -0.78 4.16 7.47
C VAL A 4 -0.65 2.65 7.23
N HIS A 5 -1.32 2.19 6.20
CA HIS A 5 -1.29 0.77 5.86
C HIS A 5 0.06 0.44 5.22
N ASN A 6 0.86 1.47 5.02
CA ASN A 6 2.18 1.30 4.42
C ASN A 6 3.06 0.47 5.36
N CYS A 7 3.05 0.86 6.62
CA CYS A 7 3.85 0.16 7.62
C CYS A 7 3.67 -1.35 7.41
N VAL A 8 2.52 -1.70 6.87
CA VAL A 8 2.21 -3.10 6.61
C VAL A 8 2.63 -3.45 5.17
N ASN A 9 2.40 -2.49 4.28
CA ASN A 9 2.74 -2.68 2.89
C ASN A 9 4.17 -3.22 2.78
N ILE A 10 5.05 -2.60 3.55
CA ILE A 10 6.45 -3.01 3.56
C ILE A 10 6.54 -4.53 3.65
N THR A 11 5.48 -5.12 4.21
CA THR A 11 5.44 -6.57 4.36
C THR A 11 4.70 -7.20 3.17
N ILE A 12 3.75 -6.45 2.65
CA ILE A 12 2.97 -6.93 1.51
C ILE A 12 3.82 -6.84 0.24
N LYS A 13 4.42 -5.67 0.06
CA LYS A 13 5.26 -5.44 -1.11
C LYS A 13 4.38 -5.12 -2.31
N GLN A 14 3.15 -4.72 -2.01
CA GLN A 14 2.20 -4.38 -3.06
C GLN A 14 1.26 -3.26 -2.57
N HIS A 15 0.77 -3.44 -1.36
CA HIS A 15 -0.13 -2.46 -0.77
C HIS A 15 0.32 -1.05 -1.14
N THR A 16 -0.64 -0.13 -1.12
CA THR A 16 -0.37 1.25 -1.45
C THR A 16 -0.20 1.41 -2.96
N VAL A 17 0.68 0.59 -3.52
CA VAL A 17 0.94 0.63 -4.95
C VAL A 17 -0.24 0.02 -5.69
N THR A 18 -0.57 -1.20 -5.30
CA THR A 18 -1.68 -1.91 -5.92
C THR A 18 -2.83 -0.95 -6.23
N THR A 19 -3.21 -0.18 -5.22
CA THR A 19 -4.29 0.78 -5.37
C THR A 19 -4.21 1.46 -6.75
N THR A 20 -3.33 2.44 -6.85
CA THR A 20 -3.15 3.17 -8.08
C THR A 20 -4.20 4.28 -8.21
N THR A 21 -5.19 4.22 -7.33
CA THR A 21 -6.24 5.22 -7.33
C THR A 21 -5.68 6.60 -7.62
N LYS A 22 -5.17 7.22 -6.55
CA LYS A 22 -4.59 8.55 -6.68
C LYS A 22 -3.80 8.65 -7.99
N GLY A 23 -4.31 9.49 -8.88
CA GLY A 23 -3.66 9.69 -10.16
C GLY A 23 -3.65 11.17 -10.56
N ASN A 1 -2.88 6.95 1.08
CA ASN A 1 -2.44 5.64 1.52
C ASN A 1 -0.97 5.44 1.15
N ASN A 2 -0.19 5.05 2.15
CA ASN A 2 1.24 4.82 1.94
C ASN A 2 1.94 4.76 3.29
N PHE A 3 1.86 5.86 4.03
CA PHE A 3 2.48 5.95 5.33
C PHE A 3 1.80 5.00 6.33
N VAL A 4 0.53 5.28 6.57
CA VAL A 4 -0.24 4.45 7.50
C VAL A 4 -0.39 3.04 6.93
N HIS A 5 -0.78 2.99 5.66
CA HIS A 5 -0.96 1.71 4.98
C HIS A 5 0.37 0.95 4.97
N ASN A 6 1.44 1.69 5.23
CA ASN A 6 2.76 1.09 5.25
C ASN A 6 2.74 -0.16 6.12
N CYS A 7 2.21 -0.01 7.32
CA CYS A 7 2.12 -1.13 8.25
C CYS A 7 1.62 -2.35 7.49
N VAL A 8 0.86 -2.09 6.44
CA VAL A 8 0.32 -3.16 5.61
C VAL A 8 1.17 -3.30 4.35
N ASN A 9 1.75 -2.19 3.94
CA ASN A 9 2.58 -2.18 2.75
C ASN A 9 3.82 -3.04 2.99
N ILE A 10 4.08 -3.30 4.26
CA ILE A 10 5.23 -4.12 4.63
C ILE A 10 5.05 -5.54 4.08
N THR A 11 3.87 -6.09 4.31
CA THR A 11 3.56 -7.43 3.84
C THR A 11 3.32 -7.41 2.33
N ILE A 12 2.49 -6.48 1.90
CA ILE A 12 2.17 -6.36 0.49
C ILE A 12 3.45 -6.03 -0.29
N LYS A 13 4.22 -5.12 0.28
CA LYS A 13 5.47 -4.72 -0.35
C LYS A 13 5.20 -3.56 -1.32
N GLN A 14 4.12 -3.70 -2.07
CA GLN A 14 3.73 -2.69 -3.04
C GLN A 14 2.29 -2.23 -2.78
N HIS A 15 2.16 -1.33 -1.83
CA HIS A 15 0.85 -0.80 -1.48
C HIS A 15 0.55 0.43 -2.33
N THR A 16 1.11 1.55 -1.92
CA THR A 16 0.91 2.81 -2.62
C THR A 16 0.96 2.57 -4.14
N VAL A 17 1.80 1.63 -4.54
CA VAL A 17 1.94 1.30 -5.94
C VAL A 17 0.57 0.91 -6.51
N THR A 18 -0.12 0.04 -5.79
CA THR A 18 -1.43 -0.41 -6.21
C THR A 18 -2.33 0.79 -6.52
N THR A 19 -2.26 1.78 -5.64
CA THR A 19 -3.07 2.98 -5.81
C THR A 19 -4.48 2.75 -5.28
N THR A 20 -5.08 1.67 -5.75
CA THR A 20 -6.44 1.31 -5.34
C THR A 20 -6.72 -0.15 -5.63
N THR A 21 -6.59 -0.51 -6.89
CA THR A 21 -6.83 -1.89 -7.32
C THR A 21 -6.00 -2.22 -8.56
N LYS A 22 -6.33 -1.54 -9.65
CA LYS A 22 -5.63 -1.75 -10.91
C LYS A 22 -4.14 -1.93 -10.62
N GLY A 23 -3.61 -3.06 -11.09
CA GLY A 23 -2.21 -3.35 -10.90
C GLY A 23 -1.62 -4.05 -12.13
N ASN A 1 -5.36 2.20 4.92
CA ASN A 1 -5.14 2.70 3.58
C ASN A 1 -3.63 2.81 3.32
N ASN A 2 -3.30 3.43 2.21
CA ASN A 2 -1.91 3.62 1.83
C ASN A 2 -1.10 3.96 3.09
N PHE A 3 -1.62 4.91 3.85
CA PHE A 3 -0.96 5.34 5.07
C PHE A 3 -0.55 4.14 5.92
N VAL A 4 -1.52 3.25 6.15
CA VAL A 4 -1.28 2.06 6.94
C VAL A 4 -0.21 1.20 6.25
N HIS A 5 -0.02 1.47 4.97
CA HIS A 5 0.96 0.73 4.19
C HIS A 5 2.36 1.10 4.65
N ASN A 6 2.43 2.11 5.50
CA ASN A 6 3.71 2.58 6.03
C ASN A 6 4.25 1.54 7.01
N CYS A 7 3.36 0.66 7.44
CA CYS A 7 3.74 -0.39 8.38
C CYS A 7 3.14 -1.71 7.90
N VAL A 8 2.57 -1.66 6.70
CA VAL A 8 1.96 -2.84 6.13
C VAL A 8 2.61 -3.14 4.78
N ASN A 9 2.80 -2.09 4.00
CA ASN A 9 3.41 -2.23 2.69
C ASN A 9 4.77 -2.91 2.84
N ILE A 10 5.28 -2.88 4.07
CA ILE A 10 6.57 -3.49 4.36
C ILE A 10 6.40 -5.01 4.46
N THR A 11 5.16 -5.41 4.73
CA THR A 11 4.85 -6.82 4.86
C THR A 11 4.10 -7.32 3.62
N ILE A 12 3.55 -6.37 2.88
CA ILE A 12 2.80 -6.69 1.67
C ILE A 12 3.65 -6.36 0.45
N LYS A 13 4.28 -5.19 0.50
CA LYS A 13 5.11 -4.74 -0.59
C LYS A 13 4.23 -4.36 -1.79
N GLN A 14 3.02 -3.93 -1.46
CA GLN A 14 2.07 -3.54 -2.49
C GLN A 14 1.06 -2.55 -1.92
N HIS A 15 0.03 -3.10 -1.27
CA HIS A 15 -1.01 -2.29 -0.68
C HIS A 15 -1.33 -1.11 -1.60
N THR A 16 -0.81 0.05 -1.23
CA THR A 16 -1.03 1.26 -2.00
C THR A 16 -1.07 0.93 -3.49
N VAL A 17 0.02 0.33 -3.96
CA VAL A 17 0.13 -0.04 -5.36
C VAL A 17 -1.22 -0.58 -5.85
N THR A 18 -1.78 -1.48 -5.06
CA THR A 18 -3.07 -2.06 -5.40
C THR A 18 -4.00 -1.01 -6.02
N THR A 19 -3.92 0.19 -5.47
CA THR A 19 -4.74 1.29 -5.95
C THR A 19 -4.41 1.60 -7.40
N THR A 20 -3.28 2.27 -7.59
CA THR A 20 -2.84 2.64 -8.92
C THR A 20 -3.52 3.93 -9.38
N THR A 21 -4.54 4.32 -8.62
CA THR A 21 -5.28 5.54 -8.93
C THR A 21 -4.59 6.76 -8.30
N LYS A 22 -4.84 7.91 -8.92
CA LYS A 22 -4.26 9.15 -8.43
C LYS A 22 -4.80 10.32 -9.25
N GLY A 23 -4.75 11.50 -8.65
CA GLY A 23 -5.23 12.70 -9.31
C GLY A 23 -6.73 12.90 -9.06
N ASN A 1 -4.58 -0.77 3.70
CA ASN A 1 -5.02 0.38 2.94
C ASN A 1 -3.80 1.12 2.39
N ASN A 2 -4.09 2.14 1.59
CA ASN A 2 -3.02 2.94 1.00
C ASN A 2 -2.06 3.40 2.10
N PHE A 3 -2.58 4.23 2.99
CA PHE A 3 -1.78 4.75 4.09
C PHE A 3 -1.31 3.60 5.00
N VAL A 4 -2.24 2.74 5.35
CA VAL A 4 -1.93 1.60 6.21
C VAL A 4 -0.73 0.85 5.64
N HIS A 5 -0.51 1.05 4.34
CA HIS A 5 0.59 0.40 3.67
C HIS A 5 1.92 0.91 4.23
N ASN A 6 1.82 2.00 4.98
CA ASN A 6 3.00 2.60 5.58
C ASN A 6 3.54 1.68 6.68
N CYS A 7 2.70 0.75 7.09
CA CYS A 7 3.07 -0.20 8.14
C CYS A 7 2.62 -1.60 7.68
N VAL A 8 2.17 -1.67 6.44
CA VAL A 8 1.71 -2.93 5.90
C VAL A 8 2.50 -3.25 4.62
N ASN A 9 2.67 -2.22 3.80
CA ASN A 9 3.40 -2.38 2.56
C ASN A 9 4.79 -2.96 2.85
N ILE A 10 5.19 -2.84 4.11
CA ILE A 10 6.49 -3.35 4.53
C ILE A 10 6.41 -4.86 4.66
N THR A 11 5.18 -5.37 4.67
CA THR A 11 4.96 -6.80 4.79
C THR A 11 4.33 -7.35 3.50
N ILE A 12 3.63 -6.46 2.81
CA ILE A 12 2.98 -6.84 1.57
C ILE A 12 3.84 -6.40 0.38
N LYS A 13 4.44 -5.23 0.53
CA LYS A 13 5.28 -4.69 -0.52
C LYS A 13 4.49 -4.62 -1.82
N GLN A 14 3.24 -4.23 -1.69
CA GLN A 14 2.36 -4.10 -2.85
C GLN A 14 1.23 -3.11 -2.56
N HIS A 15 0.67 -3.23 -1.36
CA HIS A 15 -0.42 -2.35 -0.95
C HIS A 15 -0.16 -0.95 -1.48
N THR A 16 -1.25 -0.21 -1.66
CA THR A 16 -1.16 1.15 -2.16
C THR A 16 -0.93 1.14 -3.67
N VAL A 17 0.09 0.41 -4.08
CA VAL A 17 0.42 0.33 -5.50
C VAL A 17 -0.67 -0.47 -6.22
N THR A 18 -1.49 -1.16 -5.42
CA THR A 18 -2.57 -1.96 -5.97
C THR A 18 -3.32 -1.18 -7.05
N THR A 19 -3.36 0.13 -6.88
CA THR A 19 -4.03 0.99 -7.83
C THR A 19 -3.23 2.28 -8.05
N THR A 20 -3.26 3.15 -7.05
CA THR A 20 -2.55 4.41 -7.12
C THR A 20 -2.68 5.17 -5.81
N THR A 21 -3.92 5.40 -5.41
CA THR A 21 -4.20 6.11 -4.18
C THR A 21 -5.68 6.00 -3.82
N LYS A 22 -6.52 6.29 -4.80
CA LYS A 22 -7.96 6.23 -4.59
C LYS A 22 -8.33 7.03 -3.34
N GLY A 23 -9.54 6.79 -2.87
CA GLY A 23 -10.04 7.48 -1.69
C GLY A 23 -11.07 8.54 -2.06
N ASN A 1 -4.68 1.04 4.39
CA ASN A 1 -4.67 2.37 3.80
C ASN A 1 -3.29 2.62 3.17
N ASN A 2 -3.21 3.72 2.44
CA ASN A 2 -1.96 4.08 1.78
C ASN A 2 -0.88 4.32 2.83
N PHE A 3 -1.17 5.25 3.73
CA PHE A 3 -0.24 5.58 4.79
C PHE A 3 0.06 4.36 5.67
N VAL A 4 -1.01 3.68 6.04
CA VAL A 4 -0.90 2.50 6.88
C VAL A 4 0.07 1.51 6.22
N HIS A 5 0.26 1.69 4.92
CA HIS A 5 1.16 0.83 4.17
C HIS A 5 2.60 1.07 4.62
N ASN A 6 2.78 2.12 5.41
CA ASN A 6 4.11 2.46 5.91
C ASN A 6 4.53 1.43 6.94
N CYS A 7 3.55 0.66 7.42
CA CYS A 7 3.81 -0.37 8.40
C CYS A 7 3.07 -1.64 7.98
N VAL A 8 2.52 -1.59 6.77
CA VAL A 8 1.78 -2.73 6.24
C VAL A 8 2.40 -3.15 4.91
N ASN A 9 2.68 -2.16 4.09
CA ASN A 9 3.28 -2.40 2.78
C ASN A 9 4.54 -3.24 2.95
N ILE A 10 5.06 -3.22 4.18
CA ILE A 10 6.27 -3.97 4.48
C ILE A 10 5.94 -5.47 4.53
N THR A 11 4.66 -5.75 4.66
CA THR A 11 4.19 -7.13 4.73
C THR A 11 3.31 -7.45 3.52
N ILE A 12 2.79 -6.40 2.91
CA ILE A 12 1.93 -6.56 1.75
C ILE A 12 2.75 -6.28 0.48
N LYS A 13 3.62 -5.29 0.58
CA LYS A 13 4.46 -4.91 -0.55
C LYS A 13 3.59 -4.73 -1.79
N GLN A 14 2.46 -4.07 -1.59
CA GLN A 14 1.53 -3.82 -2.68
C GLN A 14 0.68 -2.59 -2.39
N HIS A 15 0.20 -2.52 -1.15
CA HIS A 15 -0.62 -1.40 -0.72
C HIS A 15 -0.09 -0.10 -1.35
N THR A 16 -0.97 0.88 -1.44
CA THR A 16 -0.60 2.16 -2.02
C THR A 16 -0.50 2.07 -3.54
N VAL A 17 0.28 1.10 -3.99
CA VAL A 17 0.46 0.88 -5.41
C VAL A 17 -0.85 0.40 -6.03
N THR A 18 -1.59 -0.36 -5.24
CA THR A 18 -2.86 -0.90 -5.70
C THR A 18 -3.91 0.22 -5.78
N THR A 19 -3.91 1.06 -4.77
CA THR A 19 -4.85 2.17 -4.71
C THR A 19 -4.89 2.89 -6.07
N THR A 20 -3.72 3.04 -6.65
CA THR A 20 -3.60 3.70 -7.94
C THR A 20 -4.04 2.76 -9.07
N THR A 21 -3.19 1.79 -9.35
CA THR A 21 -3.47 0.82 -10.40
C THR A 21 -4.67 -0.04 -10.02
N LYS A 22 -4.73 -1.22 -10.59
CA LYS A 22 -5.81 -2.15 -10.33
C LYS A 22 -5.83 -3.23 -11.40
N GLY A 23 -5.63 -4.46 -10.97
CA GLY A 23 -5.62 -5.59 -11.88
C GLY A 23 -5.34 -6.90 -11.15
N ASN A 1 -5.43 3.76 6.00
CA ASN A 1 -5.74 3.40 4.63
C ASN A 1 -4.45 3.22 3.85
N ASN A 2 -4.54 3.43 2.54
CA ASN A 2 -3.39 3.29 1.68
C ASN A 2 -2.15 3.84 2.39
N PHE A 3 -2.36 4.90 3.15
CA PHE A 3 -1.28 5.52 3.89
C PHE A 3 -0.73 4.59 4.96
N VAL A 4 -1.59 4.24 5.92
CA VAL A 4 -1.20 3.35 6.99
C VAL A 4 -0.86 1.98 6.41
N HIS A 5 -1.36 1.73 5.21
CA HIS A 5 -1.11 0.46 4.54
C HIS A 5 0.29 0.48 3.92
N ASN A 6 1.00 1.59 4.14
CA ASN A 6 2.33 1.75 3.59
C ASN A 6 3.31 0.91 4.43
N CYS A 7 3.43 1.28 5.70
CA CYS A 7 4.31 0.57 6.60
C CYS A 7 4.01 -0.92 6.51
N VAL A 8 2.77 -1.21 6.14
CA VAL A 8 2.33 -2.59 6.01
C VAL A 8 2.61 -3.08 4.59
N ASN A 9 2.50 -2.16 3.65
CA ASN A 9 2.73 -2.47 2.25
C ASN A 9 4.10 -3.16 2.10
N ILE A 10 5.05 -2.67 2.88
CA ILE A 10 6.39 -3.22 2.85
C ILE A 10 6.35 -4.69 3.30
N THR A 11 5.22 -5.06 3.88
CA THR A 11 5.04 -6.43 4.36
C THR A 11 4.14 -7.20 3.40
N ILE A 12 3.12 -6.51 2.90
CA ILE A 12 2.18 -7.12 1.97
C ILE A 12 2.84 -7.23 0.59
N LYS A 13 3.52 -6.16 0.21
CA LYS A 13 4.18 -6.12 -1.08
C LYS A 13 3.18 -5.75 -2.17
N GLN A 14 2.09 -5.14 -1.73
CA GLN A 14 1.04 -4.72 -2.64
C GLN A 14 0.24 -3.55 -2.05
N HIS A 15 -0.07 -3.69 -0.77
CA HIS A 15 -0.83 -2.65 -0.08
C HIS A 15 -0.35 -1.27 -0.53
N THR A 16 -1.25 -0.32 -0.46
CA THR A 16 -0.95 1.05 -0.86
C THR A 16 -1.01 1.17 -2.39
N VAL A 17 -0.28 0.29 -3.06
CA VAL A 17 -0.24 0.30 -4.51
C VAL A 17 -1.64 -0.03 -5.05
N THR A 18 -2.40 -0.75 -4.25
CA THR A 18 -3.75 -1.13 -4.64
C THR A 18 -4.44 0.04 -5.35
N THR A 19 -4.29 1.22 -4.77
CA THR A 19 -4.90 2.41 -5.34
C THR A 19 -4.25 2.75 -6.69
N THR A 20 -2.97 3.11 -6.62
CA THR A 20 -2.23 3.45 -7.81
C THR A 20 -0.73 3.30 -7.57
N THR A 21 -0.21 4.15 -6.69
CA THR A 21 1.21 4.12 -6.36
C THR A 21 1.52 5.13 -5.26
N LYS A 22 2.65 4.91 -4.61
CA LYS A 22 3.08 5.79 -3.53
C LYS A 22 4.34 5.21 -2.88
N GLY A 23 5.42 5.22 -3.64
CA GLY A 23 6.69 4.71 -3.16
C GLY A 23 7.81 5.73 -3.39
N ASN A 1 -6.74 2.27 4.12
CA ASN A 1 -5.60 1.44 3.73
C ASN A 1 -4.72 2.20 2.75
N ASN A 2 -3.70 1.51 2.25
CA ASN A 2 -2.79 2.11 1.30
C ASN A 2 -1.87 3.10 2.04
N PHE A 3 -2.50 4.06 2.69
CA PHE A 3 -1.76 5.07 3.43
C PHE A 3 -1.16 4.47 4.70
N VAL A 4 -1.97 4.46 5.76
CA VAL A 4 -1.52 3.92 7.04
C VAL A 4 -1.14 2.45 6.87
N HIS A 5 -2.00 1.72 6.17
CA HIS A 5 -1.77 0.31 5.92
C HIS A 5 -0.39 0.13 5.29
N ASN A 6 0.11 1.20 4.71
CA ASN A 6 1.42 1.17 4.06
C ASN A 6 2.41 0.48 4.99
N CYS A 7 2.40 0.88 6.25
CA CYS A 7 3.29 0.31 7.23
C CYS A 7 3.26 -1.21 7.09
N VAL A 8 2.08 -1.71 6.74
CA VAL A 8 1.91 -3.14 6.57
C VAL A 8 2.29 -3.53 5.13
N ASN A 9 2.09 -2.59 4.23
CA ASN A 9 2.40 -2.81 2.83
C ASN A 9 3.89 -3.15 2.70
N ILE A 10 4.70 -2.35 3.38
CA ILE A 10 6.15 -2.55 3.35
C ILE A 10 6.44 -4.05 3.35
N THR A 11 5.76 -4.76 4.23
CA THR A 11 5.94 -6.19 4.35
C THR A 11 5.62 -6.89 3.02
N ILE A 12 4.34 -6.84 2.67
CA ILE A 12 3.89 -7.46 1.43
C ILE A 12 4.76 -6.97 0.27
N LYS A 13 4.97 -5.66 0.23
CA LYS A 13 5.79 -5.07 -0.81
C LYS A 13 4.92 -4.83 -2.05
N GLN A 14 3.65 -4.54 -1.79
CA GLN A 14 2.71 -4.29 -2.87
C GLN A 14 1.55 -3.42 -2.39
N HIS A 15 0.54 -4.10 -1.85
CA HIS A 15 -0.63 -3.39 -1.35
C HIS A 15 -0.88 -2.13 -2.17
N THR A 16 -0.57 -1.00 -1.57
CA THR A 16 -0.75 0.28 -2.24
C THR A 16 -0.52 0.13 -3.74
N VAL A 17 0.48 -0.67 -4.09
CA VAL A 17 0.81 -0.91 -5.48
C VAL A 17 -0.48 -1.01 -6.29
N THR A 18 -1.52 -1.49 -5.63
CA THR A 18 -2.82 -1.65 -6.27
C THR A 18 -3.04 -0.53 -7.30
N THR A 19 -3.11 0.69 -6.79
CA THR A 19 -3.31 1.85 -7.65
C THR A 19 -2.31 2.95 -7.31
N THR A 20 -2.73 3.82 -6.39
CA THR A 20 -1.88 4.92 -5.97
C THR A 20 -2.40 5.52 -4.66
N THR A 21 -3.62 6.03 -4.72
CA THR A 21 -4.24 6.62 -3.55
C THR A 21 -5.71 6.24 -3.47
N LYS A 22 -6.29 6.48 -2.30
CA LYS A 22 -7.70 6.16 -2.09
C LYS A 22 -7.87 4.64 -2.04
N GLY A 23 -9.07 4.23 -1.66
CA GLY A 23 -9.38 2.82 -1.58
C GLY A 23 -10.89 2.56 -1.74
#